data_3DGC
#
_entry.id   3DGC
#
_cell.length_a   54.509
_cell.length_b   75.480
_cell.length_c   101.140
_cell.angle_alpha   90.00
_cell.angle_beta   100.89
_cell.angle_gamma   90.00
#
_symmetry.space_group_name_H-M   'P 1 21 1'
#
loop_
_entity.id
_entity.type
_entity.pdbx_description
1 polymer Interleukin-22
2 polymer 'Interleukin-22 receptor subunit alpha-1'
3 branched alpha-D-mannopyranose-(1-6)-beta-D-mannopyranose-(1-4)-2-acetamido-2-deoxy-beta-D-glucopyranose-(1-4)-[alpha-L-fucopyranose-(1-6)]2-acetamido-2-deoxy-beta-D-glucopyranose
4 non-polymer 'URANIUM ATOM'
5 non-polymer 'CHLORIDE ION'
6 non-polymer 'URANYL (VI) ION'
7 non-polymer 'ACETATE ION'
8 water water
#
loop_
_entity_poly.entity_id
_entity_poly.type
_entity_poly.pdbx_seq_one_letter_code
_entity_poly.pdbx_strand_id
1 'polypeptide(L)'
;HCRLDKSNFQQPYITNRTFMLAKEASLADQNTDVRLIGEKLFHGVSMSERCYLMKQVLQFTLEEVLFPQSDRFQPYMQEV
VPFLARLSNRLSTCHIEGDDLHIQRNVQKLKDTVKKLGESGEIKAIGELDLLFMSLRNACI
;
L,M
2 'polypeptide(L)'
;APEDPSDLLQHVKFQSSNFENILTWDSGPEGTPDTVYSIEYKTYGERDWVAKKGCQRITRKSCDLTVETGDLQELYYARV
TAVSAGGRSATKMTDRFSSLQHTTLKPPDVTCISKVRSIQMIVHPTPTPIRAGDGHRLTLEDIFHDLFYHLELQVNRTYQ
MHLGGKQREYEFFGLTPDTEFLGTIMICVPTWAKESAPYMCRVKTLPDRT
;
R,S
#
loop_
_chem_comp.id
_chem_comp.type
_chem_comp.name
_chem_comp.formula
ACT non-polymer 'ACETATE ION' 'C2 H3 O2 -1'
BMA D-saccharide, beta linking beta-D-mannopyranose 'C6 H12 O6'
CL non-polymer 'CHLORIDE ION' 'Cl -1'
FUC L-saccharide, alpha linking alpha-L-fucopyranose 'C6 H12 O5'
IUM non-polymer 'URANYL (VI) ION' 'O2 U 2'
MAN D-saccharide, alpha linking alpha-D-mannopyranose 'C6 H12 O6'
NAG D-saccharide, beta linking 2-acetamido-2-deoxy-beta-D-glucopyranose 'C8 H15 N O6'
U1 non-polymer 'URANIUM ATOM' U
#
# COMPACT_ATOMS: atom_id res chain seq x y z
N HIS A 1 -9.37 11.64 19.58
CA HIS A 1 -8.75 10.30 19.89
C HIS A 1 -7.24 10.44 19.84
N CYS A 2 -6.53 9.44 20.36
CA CYS A 2 -5.08 9.46 20.39
C CYS A 2 -4.50 8.59 19.29
N ARG A 3 -4.34 9.20 18.11
CA ARG A 3 -3.80 8.52 16.95
C ARG A 3 -3.44 9.55 15.88
N LEU A 4 -2.48 9.22 15.03
CA LEU A 4 -2.07 10.11 13.95
C LEU A 4 -1.84 9.28 12.69
N ASP A 5 -2.36 9.75 11.55
CA ASP A 5 -2.18 9.02 10.31
C ASP A 5 -0.71 8.78 10.02
N LYS A 6 -0.43 7.63 9.41
CA LYS A 6 0.92 7.24 9.05
C LYS A 6 1.51 8.25 8.04
N SER A 7 0.64 8.90 7.27
CA SER A 7 1.07 9.87 6.27
C SER A 7 1.74 11.11 6.86
N ASN A 8 1.61 11.29 8.18
CA ASN A 8 2.22 12.44 8.84
C ASN A 8 3.72 12.24 8.98
N PHE A 9 4.16 10.99 8.82
CA PHE A 9 5.57 10.64 8.99
C PHE A 9 6.26 10.13 7.72
N GLN A 10 5.47 9.84 6.69
CA GLN A 10 5.99 9.32 5.41
C GLN A 10 6.62 10.39 4.51
N GLN A 11 6.51 11.66 4.90
CA GLN A 11 7.03 12.74 4.09
C GLN A 11 8.51 13.01 4.29
N PRO A 12 9.33 12.59 3.33
CA PRO A 12 10.80 12.70 3.27
C PRO A 12 11.40 14.06 3.59
N TYR A 13 10.90 15.10 2.93
CA TYR A 13 11.44 16.43 3.15
C TYR A 13 11.29 17.01 4.57
N ILE A 14 10.08 16.99 5.12
CA ILE A 14 9.87 17.52 6.46
C ILE A 14 10.51 16.61 7.50
N THR A 15 10.56 15.31 7.21
CA THR A 15 11.18 14.37 8.14
C THR A 15 12.70 14.56 8.19
N ASN A 16 13.33 14.63 7.02
CA ASN A 16 14.78 14.81 6.99
C ASN A 16 15.10 16.17 7.61
N ARG A 17 14.17 17.10 7.48
CA ARG A 17 14.37 18.41 8.05
C ARG A 17 14.39 18.31 9.57
N THR A 18 13.46 17.52 10.11
CA THR A 18 13.40 17.32 11.55
C THR A 18 14.69 16.66 12.02
N PHE A 19 15.06 15.56 11.38
CA PHE A 19 16.27 14.83 11.73
C PHE A 19 17.53 15.66 11.58
N MET A 20 17.55 16.57 10.62
CA MET A 20 18.73 17.42 10.44
C MET A 20 18.73 18.48 11.54
N LEU A 21 17.54 18.89 12.00
CA LEU A 21 17.47 19.87 13.06
C LEU A 21 17.98 19.18 14.31
N ALA A 22 17.53 17.95 14.50
CA ALA A 22 17.93 17.15 15.65
C ALA A 22 19.43 16.96 15.65
N LYS A 23 20.00 16.62 14.49
CA LYS A 23 21.44 16.41 14.39
C LYS A 23 22.24 17.66 14.69
N GLU A 24 21.82 18.79 14.14
CA GLU A 24 22.55 20.03 14.38
C GLU A 24 22.60 20.36 15.88
N ALA A 25 21.50 20.12 16.59
CA ALA A 25 21.47 20.42 18.02
C ALA A 25 22.27 19.40 18.81
N SER A 26 22.25 18.14 18.38
CA SER A 26 23.01 17.14 19.13
C SER A 26 24.50 17.43 19.03
N LEU A 27 24.98 17.92 17.89
CA LEU A 27 26.39 18.25 17.76
C LEU A 27 26.74 19.31 18.80
N ALA A 28 25.75 20.15 19.12
CA ALA A 28 25.95 21.22 20.10
C ALA A 28 25.75 20.74 21.53
N ASP A 29 25.07 19.61 21.69
CA ASP A 29 24.84 19.05 23.01
C ASP A 29 26.12 18.30 23.40
N GLN A 30 26.75 18.73 24.47
CA GLN A 30 28.00 18.13 24.93
C GLN A 30 27.80 17.12 26.05
N ASN A 31 26.63 17.19 26.68
CA ASN A 31 26.26 16.31 27.79
C ASN A 31 25.84 14.96 27.24
N THR A 32 26.69 13.95 27.37
CA THR A 32 26.37 12.62 26.87
C THR A 32 25.88 11.72 28.00
N ASP A 33 25.81 12.27 29.20
CA ASP A 33 25.37 11.51 30.37
C ASP A 33 23.86 11.51 30.54
N VAL A 34 23.19 12.49 29.95
CA VAL A 34 21.75 12.60 30.11
C VAL A 34 20.91 12.50 28.85
N ARG A 35 19.97 11.55 28.85
CA ARG A 35 19.07 11.35 27.73
C ARG A 35 17.63 11.63 28.21
N LEU A 36 16.98 12.59 27.55
CA LEU A 36 15.62 12.96 27.93
C LEU A 36 14.54 11.98 27.53
N ILE A 37 14.44 11.69 26.24
CA ILE A 37 13.42 10.79 25.72
C ILE A 37 13.87 9.34 25.47
N GLY A 38 13.30 8.42 26.25
CA GLY A 38 13.62 7.01 26.12
C GLY A 38 12.55 6.10 26.70
N GLU A 39 12.80 4.79 26.72
CA GLU A 39 11.84 3.82 27.24
C GLU A 39 11.41 4.09 28.69
N LYS A 40 12.31 4.65 29.50
CA LYS A 40 11.98 4.95 30.90
C LYS A 40 10.86 6.00 31.01
N LEU A 41 10.70 6.80 29.96
CA LEU A 41 9.67 7.83 29.94
C LEU A 41 8.30 7.16 29.96
N PHE A 42 8.26 5.89 29.56
CA PHE A 42 7.03 5.11 29.52
C PHE A 42 6.87 4.27 30.78
N HIS A 43 7.86 4.39 31.66
CA HIS A 43 7.91 3.68 32.95
C HIS A 43 6.52 3.55 33.59
N GLY A 44 5.88 2.39 33.39
CA GLY A 44 4.56 2.18 33.98
C GLY A 44 3.39 2.81 33.25
N VAL A 45 3.55 3.03 31.95
CA VAL A 45 2.50 3.62 31.14
C VAL A 45 1.97 2.52 30.22
N SER A 46 0.67 2.25 30.29
CA SER A 46 0.08 1.21 29.44
C SER A 46 0.26 1.57 27.97
N MET A 47 0.47 0.53 27.16
CA MET A 47 0.68 0.69 25.73
C MET A 47 -0.39 1.56 25.11
N SER A 48 -1.60 1.45 25.61
CA SER A 48 -2.73 2.24 25.09
C SER A 48 -2.73 3.69 25.56
N GLU A 49 -1.73 4.08 26.34
CA GLU A 49 -1.67 5.44 26.85
C GLU A 49 -0.41 6.17 26.39
N ARG A 50 0.46 5.46 25.70
CA ARG A 50 1.70 6.08 25.25
C ARG A 50 1.50 7.30 24.36
N CYS A 51 0.52 7.24 23.45
CA CYS A 51 0.28 8.38 22.58
C CYS A 51 -0.10 9.58 23.41
N TYR A 52 -0.97 9.37 24.39
CA TYR A 52 -1.41 10.46 25.25
C TYR A 52 -0.20 11.10 25.93
N LEU A 53 0.71 10.26 26.41
CA LEU A 53 1.90 10.75 27.09
C LEU A 53 2.77 11.58 26.15
N MET A 54 2.94 11.09 24.94
CA MET A 54 3.74 11.77 23.92
C MET A 54 3.08 13.09 23.51
N LYS A 55 1.78 13.19 23.71
CA LYS A 55 1.09 14.44 23.40
C LYS A 55 1.59 15.50 24.37
N GLN A 56 1.75 15.08 25.63
CA GLN A 56 2.21 15.95 26.71
C GLN A 56 3.64 16.39 26.48
N VAL A 57 4.49 15.44 26.10
CA VAL A 57 5.89 15.73 25.85
C VAL A 57 5.99 16.72 24.70
N LEU A 58 5.27 16.42 23.62
CA LEU A 58 5.25 17.26 22.44
C LEU A 58 4.82 18.70 22.78
N GLN A 59 3.75 18.81 23.56
CA GLN A 59 3.22 20.12 23.95
C GLN A 59 4.23 20.92 24.75
N PHE A 60 4.86 20.24 25.71
CA PHE A 60 5.87 20.85 26.55
C PHE A 60 7.05 21.29 25.71
N THR A 61 7.47 20.41 24.80
CA THR A 61 8.60 20.69 23.94
C THR A 61 8.31 21.92 23.10
N LEU A 62 7.08 22.01 22.59
CA LEU A 62 6.70 23.16 21.78
C LEU A 62 6.72 24.46 22.58
N GLU A 63 6.17 24.42 23.79
CA GLU A 63 6.08 25.61 24.61
C GLU A 63 7.32 25.99 25.41
N GLU A 64 8.03 25.02 25.98
CA GLU A 64 9.21 25.39 26.76
C GLU A 64 10.55 25.15 26.08
N VAL A 65 10.54 24.58 24.88
CA VAL A 65 11.79 24.30 24.20
C VAL A 65 11.91 25.03 22.87
N LEU A 66 11.10 24.62 21.91
CA LEU A 66 11.15 25.21 20.58
C LEU A 66 10.93 26.72 20.57
N PHE A 67 9.77 27.17 21.03
CA PHE A 67 9.47 28.61 21.05
C PHE A 67 10.60 29.44 21.65
N PRO A 68 11.08 29.08 22.85
CA PRO A 68 12.18 29.84 23.46
C PRO A 68 13.44 29.83 22.61
N GLN A 69 13.60 28.79 21.79
CA GLN A 69 14.78 28.66 20.93
C GLN A 69 14.47 28.84 19.44
N SER A 70 13.35 29.48 19.13
CA SER A 70 12.96 29.69 17.74
C SER A 70 13.95 30.53 16.94
N ASP A 71 14.92 31.14 17.63
CA ASP A 71 15.93 31.99 17.00
C ASP A 71 17.15 31.21 16.51
N ARG A 72 17.49 30.15 17.23
CA ARG A 72 18.66 29.33 16.92
C ARG A 72 18.39 28.25 15.87
N PHE A 73 19.43 27.51 15.50
CA PHE A 73 19.34 26.42 14.53
C PHE A 73 18.50 26.67 13.30
N GLN A 74 18.90 27.66 12.51
CA GLN A 74 18.20 27.97 11.28
C GLN A 74 18.97 27.34 10.14
N PRO A 75 18.31 27.08 9.01
CA PRO A 75 16.90 27.35 8.71
C PRO A 75 15.93 26.19 8.97
N TYR A 76 16.35 25.21 9.76
CA TYR A 76 15.51 24.06 10.07
C TYR A 76 14.39 24.42 11.04
N MET A 77 14.73 25.10 12.12
CA MET A 77 13.77 25.51 13.13
C MET A 77 12.52 26.09 12.50
N GLN A 78 12.73 27.03 11.59
CA GLN A 78 11.67 27.72 10.88
C GLN A 78 10.62 26.81 10.18
N GLU A 79 11.04 25.64 9.72
CA GLU A 79 10.11 24.73 9.02
C GLU A 79 9.59 23.58 9.85
N VAL A 80 10.38 23.17 10.84
CA VAL A 80 10.00 22.04 11.69
C VAL A 80 8.94 22.38 12.74
N VAL A 81 9.14 23.48 13.46
CA VAL A 81 8.20 23.88 14.50
C VAL A 81 6.76 23.90 13.99
N PRO A 82 6.51 24.56 12.84
CA PRO A 82 5.13 24.57 12.35
C PRO A 82 4.59 23.17 12.05
N PHE A 83 5.51 22.26 11.74
CA PHE A 83 5.15 20.86 11.45
C PHE A 83 4.76 20.16 12.74
N LEU A 84 5.60 20.28 13.75
CA LEU A 84 5.33 19.65 15.05
C LEU A 84 4.08 20.28 15.63
N ALA A 85 3.91 21.58 15.37
CA ALA A 85 2.74 22.31 15.88
C ALA A 85 1.44 21.72 15.35
N ARG A 86 1.40 21.38 14.07
CA ARG A 86 0.18 20.81 13.50
C ARG A 86 -0.13 19.47 14.17
N LEU A 87 0.89 18.65 14.37
CA LEU A 87 0.72 17.34 14.99
C LEU A 87 0.18 17.51 16.41
N SER A 88 0.66 18.54 17.08
CA SER A 88 0.25 18.84 18.44
C SER A 88 -1.24 19.20 18.40
N ASN A 89 -1.61 20.06 17.47
CA ASN A 89 -2.99 20.50 17.30
C ASN A 89 -3.87 19.27 17.05
N ARG A 90 -3.45 18.40 16.13
CA ARG A 90 -4.19 17.19 15.80
C ARG A 90 -4.51 16.38 17.06
N LEU A 91 -3.56 16.31 17.98
CA LEU A 91 -3.74 15.57 19.21
C LEU A 91 -4.40 16.38 20.33
N SER A 92 -4.72 17.64 20.06
CA SER A 92 -5.36 18.49 21.06
C SER A 92 -6.67 17.89 21.59
N THR A 93 -7.26 16.95 20.84
CA THR A 93 -8.51 16.31 21.25
C THR A 93 -8.27 14.84 21.62
N CYS A 94 -7.10 14.57 22.19
CA CYS A 94 -6.76 13.22 22.62
C CYS A 94 -6.78 13.17 24.14
N HIS A 95 -7.57 12.27 24.70
CA HIS A 95 -7.69 12.13 26.15
C HIS A 95 -7.68 10.66 26.55
N ILE A 96 -7.32 10.41 27.81
CA ILE A 96 -7.28 9.05 28.33
C ILE A 96 -8.50 8.78 29.20
N GLU A 97 -8.94 7.52 29.21
CA GLU A 97 -10.11 7.12 29.99
C GLU A 97 -9.68 6.55 31.35
N GLY A 98 -8.92 7.35 32.10
CA GLY A 98 -8.45 6.94 33.40
C GLY A 98 -7.83 8.11 34.14
N ASP A 99 -7.09 7.80 35.21
CA ASP A 99 -6.44 8.84 36.01
C ASP A 99 -5.12 9.30 35.41
N ASP A 100 -4.82 10.59 35.55
CA ASP A 100 -3.58 11.17 35.05
C ASP A 100 -2.54 11.34 36.16
N LEU A 101 -2.00 10.23 36.66
CA LEU A 101 -0.99 10.27 37.72
C LEU A 101 0.32 9.67 37.26
N HIS A 102 0.33 8.36 37.08
CA HIS A 102 1.54 7.66 36.65
C HIS A 102 2.13 8.32 35.42
N ILE A 103 1.28 8.97 34.62
CA ILE A 103 1.72 9.65 33.41
C ILE A 103 2.26 11.03 33.75
N GLN A 104 1.44 11.85 34.41
CA GLN A 104 1.86 13.18 34.80
C GLN A 104 3.22 13.15 35.48
N ARG A 105 3.40 12.23 36.43
CA ARG A 105 4.65 12.09 37.14
C ARG A 105 5.81 11.89 36.16
N ASN A 106 5.58 11.01 35.19
CA ASN A 106 6.60 10.69 34.18
C ASN A 106 6.99 11.90 33.36
N VAL A 107 6.02 12.67 32.90
CA VAL A 107 6.30 13.85 32.11
C VAL A 107 6.97 14.92 32.96
N GLN A 108 6.62 14.98 34.23
CA GLN A 108 7.21 15.99 35.10
C GLN A 108 8.70 15.73 35.29
N LYS A 109 9.09 14.46 35.37
CA LYS A 109 10.51 14.19 35.57
C LYS A 109 11.29 14.75 34.38
N LEU A 110 10.69 14.70 33.20
CA LEU A 110 11.34 15.21 31.99
C LEU A 110 11.43 16.73 32.04
N LYS A 111 10.32 17.38 32.39
CA LYS A 111 10.30 18.83 32.50
C LYS A 111 11.35 19.26 33.53
N ASP A 112 11.44 18.51 34.62
CA ASP A 112 12.40 18.83 35.68
C ASP A 112 13.83 18.71 35.21
N THR A 113 14.15 17.64 34.49
CA THR A 113 15.49 17.44 33.99
C THR A 113 15.87 18.57 33.05
N VAL A 114 14.93 18.95 32.18
CA VAL A 114 15.19 20.01 31.22
C VAL A 114 15.43 21.35 31.92
N LYS A 115 14.65 21.65 32.95
CA LYS A 115 14.84 22.90 33.68
C LYS A 115 16.17 22.91 34.41
N LYS A 116 16.50 21.81 35.08
CA LYS A 116 17.74 21.72 35.84
C LYS A 116 18.97 21.88 34.95
N LEU A 117 18.86 21.45 33.70
CA LEU A 117 19.96 21.58 32.75
C LEU A 117 19.96 22.98 32.12
N GLY A 118 18.92 23.75 32.42
CA GLY A 118 18.82 25.10 31.89
C GLY A 118 18.81 25.17 30.37
N GLU A 119 19.42 26.23 29.83
CA GLU A 119 19.44 26.42 28.38
C GLU A 119 20.00 25.22 27.62
N SER A 120 21.01 24.57 28.18
CA SER A 120 21.59 23.42 27.53
C SER A 120 20.57 22.29 27.51
N GLY A 121 19.62 22.33 28.44
CA GLY A 121 18.59 21.30 28.47
C GLY A 121 17.66 21.49 27.28
N GLU A 122 17.39 22.75 26.95
CA GLU A 122 16.53 23.04 25.80
C GLU A 122 17.24 22.59 24.53
N ILE A 123 18.55 22.77 24.51
CA ILE A 123 19.36 22.37 23.37
C ILE A 123 19.26 20.86 23.25
N LYS A 124 19.44 20.17 24.37
CA LYS A 124 19.37 18.72 24.40
C LYS A 124 18.02 18.26 23.83
N ALA A 125 16.92 18.86 24.28
CA ALA A 125 15.60 18.49 23.78
C ALA A 125 15.55 18.59 22.27
N ILE A 126 16.02 19.71 21.72
CA ILE A 126 16.01 19.87 20.27
C ILE A 126 16.82 18.74 19.60
N GLY A 127 17.98 18.41 20.20
CA GLY A 127 18.84 17.37 19.66
C GLY A 127 18.20 16.00 19.74
N GLU A 128 17.06 15.91 20.41
CA GLU A 128 16.37 14.65 20.55
C GLU A 128 15.03 14.66 19.84
N LEU A 129 14.83 15.65 18.96
CA LEU A 129 13.57 15.73 18.23
C LEU A 129 13.38 14.52 17.34
N ASP A 130 14.46 13.80 17.08
CA ASP A 130 14.39 12.60 16.25
C ASP A 130 13.78 11.48 17.10
N LEU A 131 14.16 11.46 18.37
CA LEU A 131 13.63 10.44 19.26
C LEU A 131 12.18 10.75 19.56
N LEU A 132 11.88 12.02 19.71
CA LEU A 132 10.53 12.46 19.99
C LEU A 132 9.65 12.08 18.79
N PHE A 133 10.12 12.42 17.59
CA PHE A 133 9.42 12.13 16.33
C PHE A 133 9.04 10.65 16.24
N MET A 134 9.99 9.76 16.52
CA MET A 134 9.73 8.32 16.45
C MET A 134 8.85 7.80 17.59
N SER A 135 9.10 8.24 18.81
CA SER A 135 8.30 7.78 19.94
C SER A 135 6.88 8.22 19.65
N LEU A 136 6.77 9.43 19.10
CA LEU A 136 5.48 9.98 18.75
C LEU A 136 4.83 9.13 17.65
N ARG A 137 5.64 8.68 16.71
CA ARG A 137 5.12 7.87 15.61
C ARG A 137 4.68 6.47 16.07
N ASN A 138 5.51 5.77 16.82
CA ASN A 138 5.17 4.43 17.28
C ASN A 138 4.04 4.38 18.29
N ALA A 139 3.88 5.43 19.10
CA ALA A 139 2.82 5.45 20.11
C ALA A 139 1.43 5.77 19.54
N CYS A 140 1.39 6.63 18.53
CA CYS A 140 0.12 7.03 17.94
C CYS A 140 -0.15 6.38 16.58
N ILE A 141 0.43 5.21 16.36
CA ILE A 141 0.29 4.44 15.11
C ILE A 141 1.03 5.09 13.95
N ASP B 7 43.77 17.12 12.82
CA ASP B 7 45.26 17.01 12.84
C ASP B 7 45.73 15.58 12.85
N LEU B 8 45.51 14.88 13.96
CA LEU B 8 45.92 13.49 14.09
C LEU B 8 44.78 12.51 13.78
N LEU B 9 43.60 12.85 14.28
CA LEU B 9 42.43 12.02 14.12
C LEU B 9 41.33 12.77 13.36
N GLN B 10 40.76 12.12 12.36
CA GLN B 10 39.69 12.72 11.57
C GLN B 10 38.65 11.72 11.10
N HIS B 11 37.44 12.21 10.84
CA HIS B 11 36.34 11.39 10.35
C HIS B 11 36.06 10.16 11.20
N VAL B 12 35.84 10.36 12.49
CA VAL B 12 35.52 9.26 13.39
C VAL B 12 34.03 9.01 13.21
N LYS B 13 33.69 7.85 12.67
CA LYS B 13 32.27 7.56 12.45
C LYS B 13 31.92 6.08 12.35
N PHE B 14 30.64 5.79 12.52
CA PHE B 14 30.16 4.41 12.41
C PHE B 14 29.82 4.08 10.96
N GLN B 15 30.13 2.85 10.58
CA GLN B 15 29.82 2.35 9.26
C GLN B 15 28.86 1.24 9.65
N SER B 16 27.60 1.35 9.22
CA SER B 16 26.58 0.39 9.59
C SER B 16 25.88 -0.27 8.40
N SER B 17 25.88 -1.60 8.40
CA SER B 17 25.25 -2.36 7.33
C SER B 17 24.58 -3.60 7.91
N ASN B 18 23.25 -3.68 7.77
CA ASN B 18 22.50 -4.81 8.32
C ASN B 18 22.91 -4.98 9.79
N PHE B 19 22.96 -3.86 10.49
CA PHE B 19 23.31 -3.76 11.89
C PHE B 19 24.68 -4.21 12.33
N GLU B 20 25.58 -4.39 11.36
CA GLU B 20 26.96 -4.72 11.66
C GLU B 20 27.52 -3.31 11.79
N ASN B 21 27.92 -2.93 13.00
CA ASN B 21 28.42 -1.58 13.22
C ASN B 21 29.92 -1.49 13.37
N ILE B 22 30.59 -0.98 12.35
CA ILE B 22 32.04 -0.84 12.38
C ILE B 22 32.48 0.62 12.54
N LEU B 23 33.34 0.87 13.53
CA LEU B 23 33.85 2.22 13.75
C LEU B 23 35.07 2.42 12.87
N THR B 24 35.13 3.56 12.19
CA THR B 24 36.25 3.87 11.31
C THR B 24 36.71 5.30 11.52
N TRP B 25 37.91 5.60 11.07
CA TRP B 25 38.48 6.94 11.21
C TRP B 25 39.67 7.08 10.27
N ASP B 26 40.17 8.30 10.10
CA ASP B 26 41.33 8.56 9.25
C ASP B 26 42.37 9.24 10.12
N SER B 27 43.55 9.49 9.54
CA SER B 27 44.60 10.20 10.24
C SER B 27 44.57 11.58 9.61
N GLY B 28 44.71 12.62 10.40
CA GLY B 28 44.68 13.97 9.85
C GLY B 28 46.04 14.40 9.31
N PRO B 29 46.24 15.70 9.04
CA PRO B 29 47.48 16.26 8.52
C PRO B 29 48.74 15.75 9.22
N GLU B 30 48.90 16.14 10.49
CA GLU B 30 50.07 15.74 11.28
C GLU B 30 50.08 14.26 11.65
N GLY B 31 49.46 13.42 10.82
CA GLY B 31 49.43 12.00 11.12
C GLY B 31 50.69 11.27 10.70
N THR B 32 50.85 10.05 11.19
CA THR B 32 51.98 9.19 10.88
C THR B 32 51.55 7.73 10.88
N PRO B 33 52.36 6.84 10.26
CA PRO B 33 52.08 5.41 10.18
C PRO B 33 52.22 4.57 11.46
N ASP B 34 53.07 5.02 12.39
CA ASP B 34 53.31 4.28 13.63
C ASP B 34 52.36 4.68 14.77
N THR B 35 51.29 5.37 14.40
CA THR B 35 50.29 5.84 15.34
C THR B 35 49.39 4.72 15.82
N VAL B 36 49.19 4.63 17.14
CA VAL B 36 48.33 3.60 17.70
C VAL B 36 46.99 4.21 18.14
N TYR B 37 45.92 3.41 18.11
CA TYR B 37 44.60 3.87 18.49
C TYR B 37 43.93 3.01 19.54
N SER B 38 43.19 3.67 20.44
CA SER B 38 42.47 3.00 21.52
C SER B 38 41.00 3.47 21.48
N ILE B 39 40.10 2.51 21.49
CA ILE B 39 38.67 2.79 21.40
C ILE B 39 37.83 2.54 22.65
N GLU B 40 36.91 3.47 22.93
CA GLU B 40 35.99 3.36 24.05
C GLU B 40 34.60 3.63 23.50
N TYR B 41 33.57 3.20 24.21
CA TYR B 41 32.20 3.41 23.74
C TYR B 41 31.31 3.58 24.96
N LYS B 42 30.16 4.20 24.78
CA LYS B 42 29.24 4.42 25.90
C LYS B 42 27.81 4.52 25.38
N THR B 43 26.86 4.42 26.30
CA THR B 43 25.45 4.51 25.95
C THR B 43 25.01 5.92 26.30
N TYR B 44 24.33 6.57 25.36
CA TYR B 44 23.83 7.92 25.57
C TYR B 44 22.85 7.84 26.75
N GLY B 45 23.00 8.72 27.72
CA GLY B 45 22.11 8.69 28.86
C GLY B 45 22.77 7.99 30.05
N GLU B 46 23.99 7.51 29.83
CA GLU B 46 24.78 6.86 30.87
C GLU B 46 26.05 7.65 31.08
N ARG B 47 26.70 7.46 32.22
CA ARG B 47 27.89 8.25 32.52
C ARG B 47 29.25 7.67 32.13
N ASP B 48 29.44 6.38 32.30
CA ASP B 48 30.75 5.81 32.01
C ASP B 48 31.11 5.29 30.63
N TRP B 49 32.38 5.47 30.28
CA TRP B 49 32.91 5.00 29.03
C TRP B 49 33.48 3.62 29.30
N VAL B 50 33.33 2.71 28.35
CA VAL B 50 33.86 1.37 28.50
C VAL B 50 34.93 1.14 27.43
N ALA B 51 36.04 0.54 27.84
CA ALA B 51 37.11 0.27 26.91
C ALA B 51 36.74 -0.94 26.10
N LYS B 52 37.07 -0.90 24.80
CA LYS B 52 36.77 -2.01 23.92
C LYS B 52 37.97 -2.94 23.95
N LYS B 53 37.80 -4.03 24.70
CA LYS B 53 38.84 -5.03 24.89
C LYS B 53 39.75 -5.32 23.71
N GLY B 54 39.19 -5.56 22.53
CA GLY B 54 40.05 -5.88 21.40
C GLY B 54 40.61 -4.73 20.57
N CYS B 55 40.24 -3.50 20.91
CA CYS B 55 40.69 -2.35 20.13
C CYS B 55 41.50 -1.33 20.94
N GLN B 56 42.55 -1.81 21.59
CA GLN B 56 43.43 -0.95 22.39
C GLN B 56 44.84 -0.98 21.80
N ARG B 57 45.40 0.19 21.54
CA ARG B 57 46.74 0.29 20.98
C ARG B 57 46.88 -0.47 19.66
N ILE B 58 45.85 -0.44 18.83
CA ILE B 58 45.89 -1.12 17.55
C ILE B 58 46.40 -0.16 16.49
N THR B 59 46.91 -0.71 15.39
CA THR B 59 47.43 0.13 14.33
C THR B 59 46.43 0.26 13.18
N ARG B 60 45.45 -0.64 13.10
CA ARG B 60 44.45 -0.55 12.04
C ARG B 60 43.58 0.68 12.26
N LYS B 61 42.73 1.00 11.28
CA LYS B 61 41.86 2.16 11.39
C LYS B 61 40.36 1.83 11.33
N SER B 62 39.98 0.78 12.06
CA SER B 62 38.58 0.36 12.14
C SER B 62 38.46 -0.60 13.31
N CYS B 63 37.29 -0.63 13.93
CA CYS B 63 37.03 -1.50 15.08
C CYS B 63 35.56 -1.92 15.09
N ASP B 64 35.34 -3.23 15.15
CA ASP B 64 34.00 -3.80 15.16
C ASP B 64 33.28 -3.62 16.50
N LEU B 65 32.28 -2.75 16.54
CA LEU B 65 31.52 -2.50 17.77
C LEU B 65 30.10 -3.05 17.71
N THR B 66 29.87 -3.99 16.80
CA THR B 66 28.57 -4.58 16.60
C THR B 66 27.91 -5.12 17.86
N VAL B 67 28.62 -5.92 18.62
CA VAL B 67 28.07 -6.47 19.85
C VAL B 67 27.78 -5.39 20.88
N GLU B 68 28.73 -4.49 21.06
CA GLU B 68 28.61 -3.41 22.03
C GLU B 68 27.44 -2.44 21.77
N THR B 69 27.05 -2.32 20.51
CA THR B 69 25.98 -1.39 20.15
C THR B 69 24.73 -2.13 19.63
N GLY B 70 24.49 -3.33 20.17
CA GLY B 70 23.37 -4.12 19.70
C GLY B 70 22.03 -4.02 20.40
N ASP B 71 21.89 -3.05 21.29
CA ASP B 71 20.63 -2.87 22.01
C ASP B 71 19.82 -1.87 21.20
N LEU B 72 18.79 -2.35 20.51
CA LEU B 72 17.98 -1.49 19.64
C LEU B 72 17.21 -0.37 20.34
N GLN B 73 17.30 -0.32 21.66
CA GLN B 73 16.58 0.71 22.41
C GLN B 73 17.53 1.83 22.80
N GLU B 74 18.82 1.58 22.66
CA GLU B 74 19.82 2.56 23.06
C GLU B 74 20.43 3.31 21.88
N LEU B 75 21.13 4.40 22.21
CA LEU B 75 21.86 5.24 21.26
C LEU B 75 23.27 5.26 21.85
N TYR B 76 24.30 5.35 21.02
CA TYR B 76 25.65 5.32 21.59
C TYR B 76 26.60 6.35 21.05
N TYR B 77 27.79 6.36 21.63
CA TYR B 77 28.90 7.22 21.25
C TYR B 77 30.17 6.38 21.30
N ALA B 78 31.11 6.68 20.43
CA ALA B 78 32.38 5.98 20.42
C ALA B 78 33.45 7.04 20.26
N ARG B 79 34.61 6.81 20.84
CA ARG B 79 35.71 7.75 20.70
C ARG B 79 37.05 7.04 20.53
N VAL B 80 37.87 7.60 19.66
CA VAL B 80 39.17 7.06 19.37
C VAL B 80 40.20 7.98 19.97
N THR B 81 41.25 7.41 20.54
CA THR B 81 42.31 8.20 21.13
C THR B 81 43.58 7.77 20.41
N ALA B 82 44.13 8.69 19.63
CA ALA B 82 45.34 8.40 18.88
C ALA B 82 46.59 8.84 19.63
N VAL B 83 47.61 7.99 19.62
CA VAL B 83 48.86 8.31 20.30
C VAL B 83 49.96 8.20 19.25
N SER B 84 50.47 9.36 18.83
CA SER B 84 51.50 9.43 17.80
C SER B 84 52.91 9.08 18.26
N ALA B 85 53.78 8.83 17.29
CA ALA B 85 55.18 8.46 17.55
C ALA B 85 55.81 9.22 18.71
N GLY B 86 55.51 10.50 18.83
CA GLY B 86 56.11 11.30 19.90
C GLY B 86 55.46 11.29 21.27
N GLY B 87 54.46 10.45 21.49
CA GLY B 87 53.78 10.43 22.79
C GLY B 87 52.67 11.46 22.75
N ARG B 88 52.48 12.06 21.58
CA ARG B 88 51.44 13.06 21.33
C ARG B 88 50.13 12.31 21.18
N SER B 89 49.05 12.85 21.73
CA SER B 89 47.77 12.17 21.66
C SER B 89 46.65 13.09 21.20
N ALA B 90 45.51 12.50 20.89
CA ALA B 90 44.36 13.25 20.43
C ALA B 90 43.12 12.37 20.49
N THR B 91 42.02 12.94 20.98
CA THR B 91 40.78 12.20 21.11
C THR B 91 39.64 12.85 20.32
N LYS B 92 38.85 12.01 19.67
CA LYS B 92 37.71 12.44 18.87
C LYS B 92 36.60 11.40 18.98
N MET B 93 35.37 11.86 19.07
CA MET B 93 34.26 10.94 19.17
C MET B 93 33.26 11.15 18.05
N THR B 94 32.48 10.10 17.79
CA THR B 94 31.46 10.11 16.75
C THR B 94 30.30 10.98 17.20
N ASP B 95 29.33 11.13 16.31
CA ASP B 95 28.12 11.88 16.65
C ASP B 95 27.22 10.84 17.35
N ARG B 96 26.07 11.26 17.87
CA ARG B 96 25.20 10.29 18.54
C ARG B 96 24.84 9.23 17.50
N PHE B 97 24.98 7.96 17.87
CA PHE B 97 24.71 6.87 16.93
C PHE B 97 23.43 6.13 17.17
N SER B 98 22.67 5.97 16.10
CA SER B 98 21.40 5.24 16.12
C SER B 98 21.47 4.24 14.99
N SER B 99 21.65 2.97 15.33
CA SER B 99 21.75 1.93 14.30
C SER B 99 20.46 1.86 13.48
N LEU B 100 19.31 1.96 14.14
CA LEU B 100 18.04 1.91 13.41
C LEU B 100 18.00 2.95 12.29
N GLN B 101 18.62 4.10 12.52
CA GLN B 101 18.61 5.19 11.54
C GLN B 101 19.73 5.18 10.51
N HIS B 102 20.94 4.85 10.94
CA HIS B 102 22.08 4.88 10.05
C HIS B 102 22.36 3.64 9.21
N THR B 103 21.94 2.47 9.69
CA THR B 103 22.25 1.25 8.96
C THR B 103 21.77 1.19 7.51
N THR B 104 22.59 0.57 6.66
CA THR B 104 22.27 0.37 5.26
C THR B 104 21.77 -1.06 5.17
N LEU B 105 20.89 -1.33 4.20
CA LEU B 105 20.35 -2.69 4.05
C LEU B 105 20.91 -3.38 2.83
N LYS B 106 21.42 -4.59 3.02
CA LYS B 106 21.97 -5.37 1.92
C LYS B 106 20.83 -5.87 1.04
N PRO B 107 21.13 -6.40 -0.15
CA PRO B 107 20.07 -6.88 -1.03
C PRO B 107 19.31 -8.06 -0.41
N PRO B 108 17.99 -8.12 -0.64
CA PRO B 108 17.12 -9.18 -0.11
C PRO B 108 17.64 -10.58 -0.45
N ASP B 109 17.34 -11.54 0.43
CA ASP B 109 17.74 -12.91 0.15
C ASP B 109 16.58 -13.49 -0.67
N VAL B 110 16.77 -13.47 -1.99
CA VAL B 110 15.76 -13.92 -2.93
C VAL B 110 16.22 -15.08 -3.82
N THR B 111 15.28 -15.95 -4.18
CA THR B 111 15.51 -17.12 -5.03
C THR B 111 14.51 -17.04 -6.18
N CYS B 112 14.99 -16.94 -7.42
CA CYS B 112 14.08 -16.85 -8.56
C CYS B 112 13.93 -18.20 -9.22
N ILE B 113 12.68 -18.67 -9.28
CA ILE B 113 12.39 -19.95 -9.90
C ILE B 113 11.57 -19.66 -11.15
N SER B 114 12.06 -20.13 -12.29
CA SER B 114 11.35 -19.89 -13.54
C SER B 114 10.47 -21.06 -13.94
N LYS B 115 9.32 -20.72 -14.53
CA LYS B 115 8.39 -21.73 -15.00
C LYS B 115 8.09 -21.49 -16.49
N VAL B 116 7.14 -22.23 -17.03
CA VAL B 116 6.79 -22.10 -18.43
C VAL B 116 6.23 -20.74 -18.83
N ARG B 117 5.30 -20.21 -18.05
CA ARG B 117 4.68 -18.92 -18.37
C ARG B 117 4.65 -17.94 -17.22
N SER B 118 5.47 -18.20 -16.21
CA SER B 118 5.52 -17.32 -15.05
C SER B 118 6.90 -17.42 -14.42
N ILE B 119 7.24 -16.40 -13.62
CA ILE B 119 8.51 -16.36 -12.91
C ILE B 119 8.19 -16.23 -11.43
N GLN B 120 8.77 -17.12 -10.64
CA GLN B 120 8.52 -17.13 -9.21
C GLN B 120 9.72 -16.57 -8.43
N MET B 121 9.44 -15.75 -7.41
CA MET B 121 10.50 -15.18 -6.60
C MET B 121 10.24 -15.40 -5.13
N ILE B 122 11.17 -16.08 -4.45
CA ILE B 122 11.01 -16.35 -3.03
C ILE B 122 12.01 -15.51 -2.21
N VAL B 123 11.49 -14.72 -1.28
CA VAL B 123 12.33 -13.90 -0.44
C VAL B 123 12.51 -14.65 0.87
N HIS B 124 13.73 -14.74 1.38
CA HIS B 124 13.93 -15.44 2.63
C HIS B 124 14.30 -14.48 3.72
N PRO B 125 13.88 -14.78 4.94
CA PRO B 125 14.18 -13.92 6.09
C PRO B 125 15.67 -13.63 6.16
N THR B 126 16.02 -12.38 6.38
CA THR B 126 17.42 -12.02 6.49
C THR B 126 17.77 -11.85 7.96
N PRO B 127 18.60 -12.74 8.49
CA PRO B 127 19.03 -12.70 9.89
C PRO B 127 19.99 -11.54 10.18
N THR B 128 19.89 -11.00 11.39
CA THR B 128 20.78 -9.91 11.79
C THR B 128 21.46 -10.35 13.08
N PRO B 129 22.41 -9.55 13.57
CA PRO B 129 23.10 -9.89 14.81
C PRO B 129 22.29 -9.51 16.05
N ILE B 130 21.19 -8.82 15.84
CA ILE B 130 20.34 -8.41 16.95
C ILE B 130 19.66 -9.60 17.61
N ARG B 131 19.97 -9.82 18.88
CA ARG B 131 19.42 -10.93 19.63
C ARG B 131 18.16 -10.55 20.40
N ALA B 132 17.26 -11.52 20.54
CA ALA B 132 16.03 -11.30 21.29
C ALA B 132 16.34 -11.76 22.70
N GLY B 133 15.36 -11.64 23.58
CA GLY B 133 15.56 -12.07 24.96
C GLY B 133 16.08 -13.50 25.03
N ASP B 134 15.41 -14.42 24.33
CA ASP B 134 15.82 -15.82 24.33
C ASP B 134 17.17 -16.02 23.68
N GLY B 135 17.74 -14.93 23.14
CA GLY B 135 19.05 -14.99 22.51
C GLY B 135 19.12 -15.33 21.03
N HIS B 136 18.00 -15.63 20.38
CA HIS B 136 18.04 -15.95 18.95
C HIS B 136 18.10 -14.70 18.09
N ARG B 137 18.40 -14.88 16.82
CA ARG B 137 18.53 -13.77 15.89
C ARG B 137 17.25 -13.20 15.31
N LEU B 138 17.13 -11.88 15.35
CA LEU B 138 15.97 -11.20 14.80
C LEU B 138 16.27 -10.90 13.34
N THR B 139 15.21 -10.91 12.53
CA THR B 139 15.35 -10.63 11.13
C THR B 139 14.96 -9.18 10.89
N LEU B 140 15.24 -8.68 9.69
CA LEU B 140 14.89 -7.32 9.36
C LEU B 140 13.40 -7.15 9.54
N GLU B 141 12.64 -8.17 9.15
CA GLU B 141 11.18 -8.11 9.26
C GLU B 141 10.75 -7.99 10.73
N ASP B 142 11.49 -8.65 11.62
CA ASP B 142 11.19 -8.59 13.05
C ASP B 142 11.40 -7.18 13.58
N ILE B 143 12.44 -6.52 13.09
CA ILE B 143 12.81 -5.18 13.52
C ILE B 143 11.98 -4.07 12.90
N PHE B 144 11.81 -4.12 11.58
CA PHE B 144 11.03 -3.11 10.89
C PHE B 144 9.67 -3.68 10.50
N HIS B 145 8.67 -3.37 11.33
CA HIS B 145 7.32 -3.86 11.13
C HIS B 145 6.63 -3.42 9.85
N ASP B 146 7.00 -2.25 9.33
CA ASP B 146 6.37 -1.76 8.11
C ASP B 146 7.16 -2.12 6.86
N LEU B 147 8.20 -2.92 7.02
CA LEU B 147 9.04 -3.35 5.90
C LEU B 147 8.19 -4.02 4.83
N PHE B 148 8.50 -3.74 3.57
CA PHE B 148 7.79 -4.36 2.46
C PHE B 148 8.72 -4.46 1.25
N TYR B 149 8.41 -5.38 0.35
CA TYR B 149 9.26 -5.56 -0.81
C TYR B 149 8.67 -4.94 -2.05
N HIS B 150 9.54 -4.52 -2.96
CA HIS B 150 9.15 -3.93 -4.23
C HIS B 150 9.82 -4.78 -5.31
N LEU B 151 9.02 -5.55 -6.06
CA LEU B 151 9.58 -6.40 -7.10
C LEU B 151 9.23 -5.89 -8.50
N GLU B 152 10.10 -6.21 -9.45
CA GLU B 152 9.92 -5.80 -10.83
C GLU B 152 10.46 -6.84 -11.78
N LEU B 153 9.71 -7.09 -12.85
CA LEU B 153 10.13 -8.04 -13.87
C LEU B 153 10.21 -7.26 -15.17
N GLN B 154 11.42 -7.10 -15.69
CA GLN B 154 11.61 -6.37 -16.93
C GLN B 154 11.56 -7.32 -18.12
N VAL B 155 10.89 -6.91 -19.18
CA VAL B 155 10.80 -7.74 -20.36
C VAL B 155 11.63 -7.06 -21.46
N ASN B 156 11.56 -5.73 -21.47
CA ASN B 156 12.29 -4.89 -22.42
C ASN B 156 12.23 -3.42 -21.99
N ARG B 157 13.11 -2.60 -22.57
CA ARG B 157 13.20 -1.18 -22.24
C ARG B 157 11.84 -0.48 -22.08
N THR B 158 10.81 -1.00 -22.74
CA THR B 158 9.49 -0.37 -22.65
C THR B 158 8.34 -1.29 -22.26
N TYR B 159 8.38 -1.76 -21.02
CA TYR B 159 7.35 -2.63 -20.45
C TYR B 159 7.94 -3.37 -19.25
N GLN B 160 7.45 -3.03 -18.07
CA GLN B 160 7.93 -3.65 -16.85
C GLN B 160 6.77 -4.01 -15.92
N MET B 161 6.85 -5.20 -15.33
CA MET B 161 5.80 -5.64 -14.42
C MET B 161 6.27 -5.39 -12.99
N HIS B 162 5.33 -5.13 -12.08
CA HIS B 162 5.71 -4.88 -10.70
C HIS B 162 4.72 -5.38 -9.64
N LEU B 163 5.29 -5.96 -8.58
CA LEU B 163 4.51 -6.48 -7.47
C LEU B 163 5.09 -5.90 -6.18
N GLY B 164 4.33 -5.98 -5.10
CA GLY B 164 4.81 -5.46 -3.82
C GLY B 164 4.02 -6.00 -2.64
N GLY B 165 4.65 -6.05 -1.48
CA GLY B 165 3.94 -6.56 -0.31
C GLY B 165 4.86 -7.04 0.78
N LYS B 166 4.27 -7.57 1.84
CA LYS B 166 5.03 -8.05 2.98
C LYS B 166 5.24 -9.55 3.01
N GLN B 167 4.60 -10.27 2.10
CA GLN B 167 4.80 -11.72 2.07
C GLN B 167 6.12 -12.05 1.38
N ARG B 168 6.51 -13.31 1.43
CA ARG B 168 7.77 -13.75 0.85
C ARG B 168 7.72 -14.26 -0.57
N GLU B 169 6.63 -14.92 -0.94
CA GLU B 169 6.52 -15.46 -2.27
C GLU B 169 5.71 -14.63 -3.27
N TYR B 170 6.27 -14.45 -4.46
CA TYR B 170 5.63 -13.68 -5.52
C TYR B 170 5.76 -14.42 -6.84
N GLU B 171 4.74 -14.31 -7.68
CA GLU B 171 4.78 -14.97 -8.98
C GLU B 171 4.18 -14.10 -10.06
N PHE B 172 5.00 -13.74 -11.06
CA PHE B 172 4.53 -12.92 -12.16
C PHE B 172 3.91 -13.86 -13.19
N PHE B 173 2.65 -13.61 -13.56
CA PHE B 173 1.95 -14.43 -14.54
C PHE B 173 1.82 -13.74 -15.90
N GLY B 174 1.39 -14.51 -16.91
CA GLY B 174 1.22 -13.96 -18.23
C GLY B 174 2.52 -13.82 -18.99
N LEU B 175 3.41 -14.79 -18.86
CA LEU B 175 4.71 -14.75 -19.53
C LEU B 175 4.81 -15.73 -20.70
N THR B 176 5.57 -15.34 -21.74
CA THR B 176 5.76 -16.23 -22.89
C THR B 176 6.92 -17.18 -22.58
N PRO B 177 6.74 -18.48 -22.85
CA PRO B 177 7.74 -19.53 -22.61
C PRO B 177 9.09 -19.27 -23.25
N ASP B 178 10.09 -20.03 -22.81
CA ASP B 178 11.46 -19.91 -23.33
C ASP B 178 11.86 -18.46 -23.65
N THR B 179 11.56 -17.54 -22.74
CA THR B 179 11.91 -16.13 -22.91
C THR B 179 12.75 -15.64 -21.74
N GLU B 180 13.49 -14.55 -21.96
CA GLU B 180 14.34 -14.02 -20.92
C GLU B 180 13.76 -12.77 -20.26
N PHE B 181 13.89 -12.72 -18.94
CA PHE B 181 13.38 -11.58 -18.17
C PHE B 181 14.39 -11.18 -17.10
N LEU B 182 14.35 -9.91 -16.71
CA LEU B 182 15.25 -9.41 -15.67
C LEU B 182 14.45 -9.12 -14.42
N GLY B 183 14.71 -9.88 -13.37
CA GLY B 183 14.02 -9.68 -12.11
C GLY B 183 14.78 -8.82 -11.12
N THR B 184 14.08 -7.89 -10.47
CA THR B 184 14.67 -6.98 -9.50
C THR B 184 13.81 -6.84 -8.24
N ILE B 185 14.42 -7.05 -7.07
CA ILE B 185 13.72 -6.97 -5.79
C ILE B 185 14.50 -6.10 -4.82
N MET B 186 13.81 -5.18 -4.15
CA MET B 186 14.46 -4.33 -3.17
C MET B 186 13.64 -4.22 -1.87
N ILE B 187 14.32 -4.03 -0.75
CA ILE B 187 13.66 -3.91 0.54
C ILE B 187 13.30 -2.46 0.80
N CYS B 188 12.10 -2.22 1.29
CA CYS B 188 11.65 -0.87 1.59
C CYS B 188 11.10 -0.76 2.98
N VAL B 189 11.58 0.21 3.75
CA VAL B 189 11.06 0.46 5.08
C VAL B 189 10.83 1.96 5.15
N PRO B 190 9.59 2.38 4.89
CA PRO B 190 9.09 3.77 4.89
C PRO B 190 9.34 4.56 6.16
N THR B 191 9.09 3.92 7.30
CA THR B 191 9.28 4.58 8.59
C THR B 191 10.62 5.27 8.69
N TRP B 192 11.68 4.58 8.25
CA TRP B 192 13.01 5.15 8.30
C TRP B 192 13.52 5.54 6.92
N ALA B 193 12.60 5.60 5.96
CA ALA B 193 12.96 5.96 4.61
C ALA B 193 14.20 5.21 4.13
N LYS B 194 14.29 3.92 4.46
CA LYS B 194 15.41 3.10 4.04
C LYS B 194 15.03 2.32 2.78
N GLU B 195 16.03 1.96 2.01
CA GLU B 195 15.81 1.23 0.77
C GLU B 195 17.07 0.38 0.55
N SER B 196 16.89 -0.92 0.47
CA SER B 196 18.01 -1.82 0.29
C SER B 196 18.60 -1.78 -1.11
N ALA B 197 19.83 -2.27 -1.21
CA ALA B 197 20.50 -2.35 -2.49
C ALA B 197 19.59 -3.32 -3.23
N PRO B 198 19.43 -3.13 -4.54
CA PRO B 198 18.55 -4.05 -5.26
C PRO B 198 19.17 -5.42 -5.48
N TYR B 199 18.32 -6.44 -5.59
CA TYR B 199 18.79 -7.79 -5.87
C TYR B 199 18.30 -8.02 -7.29
N MET B 200 19.16 -8.55 -8.14
CA MET B 200 18.76 -8.78 -9.51
C MET B 200 19.02 -10.22 -9.92
N CYS B 201 18.02 -10.83 -10.54
CA CYS B 201 18.15 -12.20 -11.01
C CYS B 201 17.65 -12.23 -12.46
N ARG B 202 18.54 -12.55 -13.39
CA ARG B 202 18.16 -12.61 -14.80
C ARG B 202 17.71 -14.05 -15.05
N VAL B 203 16.44 -14.22 -15.41
CA VAL B 203 15.92 -15.57 -15.65
C VAL B 203 15.23 -15.74 -16.99
N LYS B 204 15.01 -16.99 -17.36
CA LYS B 204 14.36 -17.34 -18.61
C LYS B 204 13.28 -18.39 -18.35
N THR B 205 12.08 -18.17 -18.89
CA THR B 205 11.00 -19.12 -18.70
C THR B 205 11.30 -20.42 -19.45
N LEU B 206 10.80 -21.52 -18.91
CA LEU B 206 11.00 -22.84 -19.51
C LEU B 206 10.38 -22.91 -20.91
N PRO B 207 10.89 -23.83 -21.75
CA PRO B 207 10.48 -24.09 -23.14
C PRO B 207 8.98 -24.15 -23.43
N ASP B 208 8.37 -25.32 -23.19
CA ASP B 208 6.95 -25.59 -23.42
C ASP B 208 6.81 -26.99 -24.05
N HIS C 1 -2.61 -22.61 4.17
CA HIS C 1 -3.85 -23.39 3.90
C HIS C 1 -4.63 -22.80 2.75
N CYS C 2 -5.87 -22.39 3.04
CA CYS C 2 -6.76 -21.81 2.03
C CYS C 2 -6.70 -20.28 1.97
N ARG C 3 -5.76 -19.79 1.18
CA ARG C 3 -5.58 -18.37 0.99
C ARG C 3 -4.68 -18.15 -0.21
N LEU C 4 -4.81 -16.98 -0.83
CA LEU C 4 -4.00 -16.66 -1.99
C LEU C 4 -3.56 -15.21 -1.86
N ASP C 5 -2.27 -14.95 -2.04
CA ASP C 5 -1.79 -13.59 -1.93
C ASP C 5 -2.57 -12.68 -2.85
N LYS C 6 -2.72 -11.43 -2.43
CA LYS C 6 -3.43 -10.41 -3.20
C LYS C 6 -2.71 -10.13 -4.53
N SER C 7 -1.41 -10.38 -4.57
CA SER C 7 -0.63 -10.14 -5.79
C SER C 7 -1.02 -11.04 -6.96
N ASN C 8 -1.75 -12.11 -6.68
CA ASN C 8 -2.19 -13.02 -7.73
C ASN C 8 -3.31 -12.40 -8.57
N PHE C 9 -3.90 -11.32 -8.06
CA PHE C 9 -5.01 -10.68 -8.75
C PHE C 9 -4.77 -9.24 -9.21
N GLN C 10 -3.67 -8.63 -8.75
CA GLN C 10 -3.36 -7.25 -9.09
C GLN C 10 -2.65 -7.07 -10.44
N GLN C 11 -2.33 -8.17 -11.10
CA GLN C 11 -1.63 -8.10 -12.38
C GLN C 11 -2.59 -7.82 -13.54
N PRO C 12 -2.56 -6.57 -14.05
CA PRO C 12 -3.39 -6.07 -15.14
C PRO C 12 -3.46 -6.91 -16.39
N TYR C 13 -2.32 -7.31 -16.92
CA TYR C 13 -2.31 -8.08 -18.16
C TYR C 13 -3.03 -9.42 -18.14
N ILE C 14 -2.64 -10.29 -17.21
CA ILE C 14 -3.26 -11.59 -17.11
C ILE C 14 -4.72 -11.47 -16.66
N THR C 15 -5.04 -10.42 -15.94
CA THR C 15 -6.42 -10.24 -15.48
C THR C 15 -7.33 -9.82 -16.63
N ASN C 16 -6.94 -8.80 -17.37
CA ASN C 16 -7.74 -8.34 -18.49
C ASN C 16 -7.85 -9.48 -19.50
N ARG C 17 -6.82 -10.30 -19.56
CA ARG C 17 -6.82 -11.44 -20.45
C ARG C 17 -7.89 -12.42 -20.03
N THR C 18 -8.03 -12.64 -18.72
CA THR C 18 -9.04 -13.54 -18.20
C THR C 18 -10.41 -12.97 -18.49
N PHE C 19 -10.58 -11.68 -18.21
CA PHE C 19 -11.84 -11.02 -18.44
C PHE C 19 -12.23 -10.98 -19.91
N MET C 20 -11.24 -10.80 -20.78
CA MET C 20 -11.51 -10.76 -22.21
C MET C 20 -11.85 -12.18 -22.70
N LEU C 21 -11.30 -13.18 -22.04
CA LEU C 21 -11.61 -14.54 -22.43
C LEU C 21 -13.05 -14.79 -22.02
N ALA C 22 -13.40 -14.32 -20.83
CA ALA C 22 -14.74 -14.48 -20.30
C ALA C 22 -15.72 -13.73 -21.20
N LYS C 23 -15.36 -12.53 -21.62
CA LYS C 23 -16.26 -11.75 -22.45
C LYS C 23 -16.50 -12.42 -23.80
N GLU C 24 -15.46 -12.98 -24.39
CA GLU C 24 -15.61 -13.62 -25.68
C GLU C 24 -16.55 -14.83 -25.65
N ALA C 25 -16.48 -15.61 -24.58
CA ALA C 25 -17.35 -16.77 -24.44
C ALA C 25 -18.79 -16.34 -24.08
N SER C 26 -18.92 -15.27 -23.30
CA SER C 26 -20.26 -14.83 -22.93
C SER C 26 -21.01 -14.38 -24.19
N LEU C 27 -20.31 -13.75 -25.12
CA LEU C 27 -20.95 -13.30 -26.35
C LEU C 27 -21.49 -14.52 -27.10
N ALA C 28 -20.85 -15.66 -26.90
CA ALA C 28 -21.25 -16.88 -27.55
C ALA C 28 -22.30 -17.64 -26.72
N ASP C 29 -22.50 -17.23 -25.47
CA ASP C 29 -23.48 -17.88 -24.60
C ASP C 29 -24.79 -17.19 -24.88
N GLN C 30 -25.76 -17.94 -25.37
CA GLN C 30 -27.07 -17.40 -25.69
C GLN C 30 -28.12 -17.64 -24.59
N ASN C 31 -27.79 -18.54 -23.67
CA ASN C 31 -28.68 -18.87 -22.57
C ASN C 31 -28.58 -17.83 -21.45
N THR C 32 -29.53 -16.90 -21.40
CA THR C 32 -29.53 -15.87 -20.37
C THR C 32 -30.38 -16.24 -19.16
N ASP C 33 -30.94 -17.44 -19.18
CA ASP C 33 -31.77 -17.93 -18.08
C ASP C 33 -31.01 -18.65 -16.98
N VAL C 34 -29.77 -19.05 -17.25
CA VAL C 34 -28.98 -19.79 -16.27
C VAL C 34 -27.63 -19.18 -15.95
N ARG C 35 -27.38 -18.97 -14.67
CA ARG C 35 -26.10 -18.44 -14.20
C ARG C 35 -25.49 -19.52 -13.32
N LEU C 36 -24.27 -19.92 -13.65
CA LEU C 36 -23.58 -20.97 -12.90
C LEU C 36 -23.01 -20.52 -11.56
N ILE C 37 -22.13 -19.52 -11.60
CA ILE C 37 -21.44 -19.01 -10.41
C ILE C 37 -22.07 -17.76 -9.78
N GLY C 38 -22.61 -17.93 -8.59
CA GLY C 38 -23.25 -16.84 -7.86
C GLY C 38 -23.29 -17.11 -6.37
N GLU C 39 -24.00 -16.25 -5.63
CA GLU C 39 -24.11 -16.38 -4.18
C GLU C 39 -24.74 -17.69 -3.71
N LYS C 40 -25.65 -18.26 -4.51
CA LYS C 40 -26.30 -19.50 -4.15
C LYS C 40 -25.30 -20.66 -4.09
N LEU C 41 -24.17 -20.50 -4.76
CA LEU C 41 -23.14 -21.52 -4.77
C LEU C 41 -22.53 -21.60 -3.37
N PHE C 42 -22.66 -20.52 -2.62
CA PHE C 42 -22.11 -20.46 -1.27
C PHE C 42 -23.19 -20.67 -0.23
N HIS C 43 -24.40 -20.96 -0.67
CA HIS C 43 -25.50 -21.16 0.24
C HIS C 43 -25.22 -22.24 1.26
N GLY C 44 -25.19 -21.84 2.53
CA GLY C 44 -24.93 -22.79 3.59
C GLY C 44 -23.45 -23.11 3.78
N VAL C 45 -22.59 -22.28 3.22
CA VAL C 45 -21.16 -22.51 3.36
C VAL C 45 -20.56 -21.41 4.21
N SER C 46 -19.94 -21.79 5.32
CA SER C 46 -19.33 -20.83 6.20
C SER C 46 -18.31 -19.97 5.48
N MET C 47 -18.26 -18.70 5.86
CA MET C 47 -17.37 -17.71 5.29
C MET C 47 -15.92 -18.22 5.29
N SER C 48 -15.57 -18.97 6.33
CA SER C 48 -14.22 -19.51 6.47
C SER C 48 -13.98 -20.74 5.61
N GLU C 49 -14.98 -21.15 4.82
CA GLU C 49 -14.82 -22.32 3.98
C GLU C 49 -15.03 -22.03 2.50
N ARG C 50 -15.31 -20.77 2.18
CA ARG C 50 -15.55 -20.39 0.79
C ARG C 50 -14.35 -20.62 -0.11
N CYS C 51 -13.14 -20.36 0.41
CA CYS C 51 -11.94 -20.55 -0.40
C CYS C 51 -11.83 -22.02 -0.79
N TYR C 52 -12.04 -22.89 0.19
CA TYR C 52 -11.97 -24.31 -0.05
C TYR C 52 -12.97 -24.69 -1.13
N LEU C 53 -14.19 -24.16 -1.04
CA LEU C 53 -15.21 -24.45 -2.05
C LEU C 53 -14.77 -23.97 -3.42
N MET C 54 -14.17 -22.78 -3.47
CA MET C 54 -13.72 -22.21 -4.74
C MET C 54 -12.57 -23.00 -5.35
N LYS C 55 -11.82 -23.69 -4.51
CA LYS C 55 -10.74 -24.54 -4.96
C LYS C 55 -11.35 -25.69 -5.77
N GLN C 56 -12.45 -26.24 -5.26
CA GLN C 56 -13.15 -27.35 -5.92
C GLN C 56 -13.74 -26.89 -7.23
N VAL C 57 -14.31 -25.69 -7.24
CA VAL C 57 -14.92 -25.14 -8.44
C VAL C 57 -13.85 -24.89 -9.49
N LEU C 58 -12.72 -24.36 -9.05
CA LEU C 58 -11.61 -24.05 -9.93
C LEU C 58 -11.07 -25.33 -10.55
N GLN C 59 -10.91 -26.36 -9.72
CA GLN C 59 -10.40 -27.63 -10.19
C GLN C 59 -11.33 -28.22 -11.25
N PHE C 60 -12.62 -28.27 -10.93
CA PHE C 60 -13.60 -28.81 -11.85
C PHE C 60 -13.57 -28.01 -13.17
N THR C 61 -13.49 -26.70 -13.05
CA THR C 61 -13.46 -25.87 -14.23
C THR C 61 -12.24 -26.17 -15.09
N LEU C 62 -11.11 -26.41 -14.43
CA LEU C 62 -9.89 -26.72 -15.16
C LEU C 62 -9.98 -28.04 -15.90
N GLU C 63 -10.45 -29.08 -15.20
CA GLU C 63 -10.56 -30.42 -15.76
C GLU C 63 -11.75 -30.71 -16.70
N GLU C 64 -12.92 -30.19 -16.38
CA GLU C 64 -14.09 -30.45 -17.21
C GLU C 64 -14.56 -29.32 -18.12
N VAL C 65 -13.96 -28.14 -17.99
CA VAL C 65 -14.37 -27.01 -18.84
C VAL C 65 -13.25 -26.49 -19.73
N LEU C 66 -12.18 -26.00 -19.13
CA LEU C 66 -11.07 -25.45 -19.90
C LEU C 66 -10.35 -26.46 -20.78
N PHE C 67 -9.81 -27.51 -20.19
CA PHE C 67 -9.10 -28.53 -20.96
C PHE C 67 -9.90 -29.02 -22.18
N PRO C 68 -11.16 -29.43 -21.97
CA PRO C 68 -11.98 -29.90 -23.09
C PRO C 68 -12.21 -28.84 -24.16
N GLN C 69 -12.04 -27.58 -23.79
CA GLN C 69 -12.25 -26.47 -24.72
C GLN C 69 -10.97 -25.70 -24.98
N SER C 70 -9.82 -26.28 -24.66
CA SER C 70 -8.54 -25.61 -24.87
C SER C 70 -8.29 -25.21 -26.32
N ASP C 71 -9.12 -25.71 -27.22
CA ASP C 71 -8.97 -25.39 -28.63
C ASP C 71 -9.90 -24.26 -29.10
N ARG C 72 -10.45 -23.50 -28.16
CA ARG C 72 -11.33 -22.39 -28.51
C ARG C 72 -10.84 -21.09 -27.90
N PHE C 73 -11.38 -19.97 -28.40
CA PHE C 73 -11.00 -18.66 -27.89
C PHE C 73 -9.49 -18.56 -27.88
N GLN C 74 -8.90 -19.25 -28.85
CA GLN C 74 -7.47 -19.38 -29.09
C GLN C 74 -6.49 -18.43 -28.40
N PRO C 75 -6.55 -17.13 -28.74
CA PRO C 75 -5.64 -16.15 -28.15
C PRO C 75 -5.56 -16.20 -26.62
N TYR C 76 -6.70 -15.96 -25.99
CA TYR C 76 -6.82 -15.91 -24.54
C TYR C 76 -6.68 -17.24 -23.82
N MET C 77 -7.37 -18.25 -24.32
CA MET C 77 -7.34 -19.57 -23.70
C MET C 77 -5.91 -20.00 -23.38
N GLN C 78 -5.05 -19.85 -24.37
CA GLN C 78 -3.63 -20.22 -24.28
C GLN C 78 -2.86 -19.61 -23.10
N GLU C 79 -3.22 -18.39 -22.70
CA GLU C 79 -2.53 -17.70 -21.61
C GLU C 79 -3.23 -17.80 -20.25
N VAL C 80 -4.56 -17.85 -20.27
CA VAL C 80 -5.34 -17.91 -19.04
C VAL C 80 -5.31 -19.24 -18.28
N VAL C 81 -5.48 -20.34 -19.01
CA VAL C 81 -5.49 -21.68 -18.40
C VAL C 81 -4.23 -21.91 -17.55
N PRO C 82 -3.04 -21.65 -18.10
CA PRO C 82 -1.83 -21.87 -17.30
C PRO C 82 -1.83 -20.99 -16.05
N PHE C 83 -2.49 -19.84 -16.12
CA PHE C 83 -2.59 -18.93 -14.99
C PHE C 83 -3.48 -19.59 -13.95
N LEU C 84 -4.73 -19.87 -14.32
CA LEU C 84 -5.65 -20.50 -13.40
C LEU C 84 -5.04 -21.79 -12.85
N ALA C 85 -4.31 -22.50 -13.71
CA ALA C 85 -3.66 -23.75 -13.30
C ALA C 85 -2.73 -23.54 -12.11
N ARG C 86 -1.88 -22.52 -12.19
CA ARG C 86 -0.97 -22.22 -11.10
C ARG C 86 -1.75 -21.93 -9.81
N LEU C 87 -2.79 -21.11 -9.91
CA LEU C 87 -3.58 -20.81 -8.73
C LEU C 87 -4.10 -22.11 -8.15
N SER C 88 -4.57 -22.99 -9.02
CA SER C 88 -5.08 -24.27 -8.57
C SER C 88 -4.02 -25.02 -7.76
N ASN C 89 -2.83 -25.16 -8.33
CA ASN C 89 -1.73 -25.84 -7.63
C ASN C 89 -1.52 -25.21 -6.26
N ARG C 90 -1.48 -23.88 -6.21
CA ARG C 90 -1.28 -23.20 -4.94
C ARG C 90 -2.28 -23.69 -3.91
N LEU C 91 -3.53 -23.84 -4.30
CA LEU C 91 -4.56 -24.29 -3.37
C LEU C 91 -4.57 -25.80 -3.17
N SER C 92 -3.74 -26.51 -3.92
CA SER C 92 -3.70 -27.97 -3.81
C SER C 92 -3.52 -28.46 -2.38
N THR C 93 -2.93 -27.63 -1.53
CA THR C 93 -2.70 -27.99 -0.14
C THR C 93 -3.66 -27.30 0.82
N CYS C 94 -4.85 -26.99 0.32
CA CYS C 94 -5.86 -26.34 1.13
C CYS C 94 -6.94 -27.34 1.53
N HIS C 95 -7.20 -27.44 2.84
CA HIS C 95 -8.21 -28.36 3.36
C HIS C 95 -9.05 -27.72 4.45
N ILE C 96 -10.22 -28.28 4.67
CA ILE C 96 -11.12 -27.80 5.70
C ILE C 96 -11.05 -28.77 6.87
N GLU C 97 -11.22 -28.28 8.09
CA GLU C 97 -11.17 -29.16 9.24
C GLU C 97 -12.44 -30.00 9.37
N GLY C 98 -12.34 -31.28 9.03
CA GLY C 98 -13.48 -32.15 9.12
C GLY C 98 -14.07 -32.67 7.82
N ASP C 99 -15.39 -32.68 7.78
CA ASP C 99 -16.16 -33.18 6.66
C ASP C 99 -16.36 -32.15 5.55
N ASP C 100 -16.27 -32.60 4.29
CA ASP C 100 -16.45 -31.71 3.15
C ASP C 100 -17.58 -32.17 2.22
N LEU C 101 -18.48 -32.99 2.75
CA LEU C 101 -19.59 -33.51 1.96
C LEU C 101 -20.59 -32.42 1.59
N HIS C 102 -20.88 -31.55 2.54
CA HIS C 102 -21.81 -30.45 2.30
C HIS C 102 -21.29 -29.58 1.15
N ILE C 103 -20.01 -29.21 1.23
CA ILE C 103 -19.37 -28.40 0.21
C ILE C 103 -19.38 -29.13 -1.13
N GLN C 104 -19.12 -30.43 -1.12
CA GLN C 104 -19.12 -31.19 -2.36
C GLN C 104 -20.49 -31.21 -3.00
N ARG C 105 -21.54 -31.20 -2.17
CA ARG C 105 -22.90 -31.21 -2.71
C ARG C 105 -23.22 -29.91 -3.43
N ASN C 106 -22.79 -28.77 -2.87
CA ASN C 106 -23.01 -27.48 -3.52
C ASN C 106 -22.27 -27.49 -4.86
N VAL C 107 -21.06 -28.02 -4.84
CA VAL C 107 -20.26 -28.10 -6.04
C VAL C 107 -20.87 -29.02 -7.07
N GLN C 108 -21.49 -30.10 -6.58
CA GLN C 108 -22.12 -31.08 -7.46
C GLN C 108 -23.29 -30.51 -8.22
N LYS C 109 -24.02 -29.58 -7.60
CA LYS C 109 -25.16 -28.99 -8.28
C LYS C 109 -24.66 -28.18 -9.46
N LEU C 110 -23.46 -27.61 -9.33
CA LEU C 110 -22.87 -26.84 -10.41
C LEU C 110 -22.43 -27.77 -11.53
N LYS C 111 -21.73 -28.85 -11.17
CA LYS C 111 -21.27 -29.83 -12.13
C LYS C 111 -22.45 -30.38 -12.92
N ASP C 112 -23.56 -30.60 -12.23
CA ASP C 112 -24.77 -31.14 -12.84
C ASP C 112 -25.39 -30.18 -13.85
N THR C 113 -25.41 -28.90 -13.51
CA THR C 113 -25.98 -27.89 -14.38
C THR C 113 -25.16 -27.81 -15.66
N VAL C 114 -23.84 -27.81 -15.51
CA VAL C 114 -22.96 -27.75 -16.65
C VAL C 114 -23.18 -29.01 -17.50
N LYS C 115 -23.40 -30.14 -16.85
CA LYS C 115 -23.65 -31.38 -17.57
C LYS C 115 -24.98 -31.31 -18.33
N LYS C 116 -26.05 -30.89 -17.67
CA LYS C 116 -27.34 -30.80 -18.33
C LYS C 116 -27.29 -29.90 -19.57
N LEU C 117 -26.46 -28.86 -19.52
CA LEU C 117 -26.32 -27.92 -20.63
C LEU C 117 -25.34 -28.38 -21.70
N GLY C 118 -24.65 -29.48 -21.44
CA GLY C 118 -23.70 -30.00 -22.40
C GLY C 118 -22.58 -29.04 -22.77
N GLU C 119 -22.14 -29.13 -24.02
CA GLU C 119 -21.07 -28.29 -24.54
C GLU C 119 -21.33 -26.79 -24.34
N SER C 120 -22.59 -26.37 -24.43
CA SER C 120 -22.91 -24.96 -24.23
C SER C 120 -22.71 -24.64 -22.74
N GLY C 121 -22.83 -25.66 -21.90
CA GLY C 121 -22.61 -25.45 -20.47
C GLY C 121 -21.14 -25.12 -20.23
N GLU C 122 -20.26 -25.71 -21.02
CA GLU C 122 -18.82 -25.47 -20.90
C GLU C 122 -18.51 -24.06 -21.39
N ILE C 123 -19.24 -23.62 -22.41
CA ILE C 123 -19.05 -22.29 -22.96
C ILE C 123 -19.52 -21.28 -21.92
N LYS C 124 -20.66 -21.56 -21.29
CA LYS C 124 -21.20 -20.67 -20.27
C LYS C 124 -20.18 -20.52 -19.12
N ALA C 125 -19.55 -21.62 -18.72
CA ALA C 125 -18.57 -21.58 -17.64
C ALA C 125 -17.41 -20.67 -18.04
N ILE C 126 -16.93 -20.78 -19.27
CA ILE C 126 -15.84 -19.93 -19.70
C ILE C 126 -16.30 -18.47 -19.70
N GLY C 127 -17.57 -18.28 -20.08
CA GLY C 127 -18.12 -16.94 -20.12
C GLY C 127 -18.32 -16.39 -18.73
N GLU C 128 -18.05 -17.21 -17.72
CA GLU C 128 -18.19 -16.81 -16.33
C GLU C 128 -16.88 -16.86 -15.56
N LEU C 129 -15.76 -16.94 -16.28
CA LEU C 129 -14.44 -16.97 -15.63
C LEU C 129 -14.19 -15.65 -14.88
N ASP C 130 -14.90 -14.60 -15.26
CA ASP C 130 -14.74 -13.31 -14.59
C ASP C 130 -15.37 -13.40 -13.19
N LEU C 131 -16.52 -14.09 -13.11
CA LEU C 131 -17.20 -14.29 -11.85
C LEU C 131 -16.40 -15.27 -10.99
N LEU C 132 -15.83 -16.30 -11.62
CA LEU C 132 -15.03 -17.28 -10.90
C LEU C 132 -13.80 -16.57 -10.34
N PHE C 133 -13.14 -15.77 -11.17
CA PHE C 133 -11.94 -15.03 -10.76
C PHE C 133 -12.20 -14.19 -9.51
N MET C 134 -13.31 -13.45 -9.49
CA MET C 134 -13.62 -12.62 -8.32
C MET C 134 -14.07 -13.42 -7.11
N SER C 135 -14.89 -14.44 -7.33
CA SER C 135 -15.34 -15.27 -6.20
C SER C 135 -14.10 -15.88 -5.57
N LEU C 136 -13.20 -16.34 -6.43
CA LEU C 136 -11.96 -16.95 -5.97
C LEU C 136 -11.13 -15.92 -5.20
N ARG C 137 -11.13 -14.68 -5.68
CA ARG C 137 -10.37 -13.61 -5.06
C ARG C 137 -10.94 -13.21 -3.71
N ASN C 138 -12.26 -13.07 -3.61
CA ASN C 138 -12.87 -12.66 -2.35
C ASN C 138 -12.89 -13.75 -1.29
N ALA C 139 -12.97 -15.00 -1.72
CA ALA C 139 -13.01 -16.09 -0.75
C ALA C 139 -11.65 -16.43 -0.17
N CYS C 140 -10.59 -16.21 -0.94
CA CYS C 140 -9.26 -16.54 -0.46
C CYS C 140 -8.43 -15.29 -0.16
N ILE C 141 -9.12 -14.16 0.00
CA ILE C 141 -8.57 -12.82 0.29
C ILE C 141 -7.82 -12.21 -0.90
N GLU D 3 -37.45 -6.02 -42.21
CA GLU D 3 -37.11 -7.30 -41.53
C GLU D 3 -35.76 -7.26 -40.82
N ASP D 4 -34.88 -6.34 -41.22
CA ASP D 4 -33.56 -6.21 -40.58
C ASP D 4 -33.65 -5.25 -39.40
N PRO D 5 -33.48 -5.78 -38.18
CA PRO D 5 -33.53 -4.98 -36.95
C PRO D 5 -32.65 -3.72 -37.05
N SER D 6 -31.49 -3.86 -37.68
CA SER D 6 -30.57 -2.74 -37.84
C SER D 6 -31.16 -1.54 -38.57
N ASP D 7 -32.26 -1.74 -39.29
CA ASP D 7 -32.90 -0.64 -40.00
C ASP D 7 -33.41 0.41 -39.02
N LEU D 8 -33.78 -0.03 -37.82
CA LEU D 8 -34.30 0.86 -36.79
C LEU D 8 -33.49 0.91 -35.51
N LEU D 9 -32.61 -0.05 -35.29
CA LEU D 9 -31.89 -0.05 -34.02
C LEU D 9 -30.44 -0.49 -34.10
N GLN D 10 -29.55 0.27 -33.47
CA GLN D 10 -28.13 -0.07 -33.46
C GLN D 10 -27.41 0.39 -32.19
N HIS D 11 -26.30 -0.28 -31.91
CA HIS D 11 -25.47 0.06 -30.76
C HIS D 11 -26.22 0.18 -29.44
N VAL D 12 -26.95 -0.88 -29.09
CA VAL D 12 -27.68 -0.91 -27.83
C VAL D 12 -26.66 -1.25 -26.74
N LYS D 13 -26.39 -0.30 -25.85
CA LYS D 13 -25.41 -0.57 -24.82
C LYS D 13 -25.55 0.27 -23.56
N PHE D 14 -24.90 -0.20 -22.50
CA PHE D 14 -24.90 0.50 -21.23
C PHE D 14 -23.75 1.49 -21.14
N GLN D 15 -24.04 2.66 -20.61
CA GLN D 15 -23.03 3.69 -20.36
C GLN D 15 -23.04 3.68 -18.85
N SER D 16 -21.90 3.40 -18.23
CA SER D 16 -21.83 3.35 -16.78
C SER D 16 -20.74 4.23 -16.17
N SER D 17 -21.13 5.12 -15.26
CA SER D 17 -20.18 6.02 -14.62
C SER D 17 -20.53 6.14 -13.15
N ASN D 18 -19.63 5.69 -12.27
CA ASN D 18 -19.86 5.72 -10.83
C ASN D 18 -21.21 5.06 -10.55
N PHE D 19 -21.41 3.93 -11.21
CA PHE D 19 -22.60 3.11 -11.10
C PHE D 19 -23.93 3.71 -11.56
N GLU D 20 -23.88 4.82 -12.28
CA GLU D 20 -25.08 5.41 -12.83
C GLU D 20 -25.10 4.64 -14.15
N ASN D 21 -26.11 3.78 -14.34
CA ASN D 21 -26.17 2.95 -15.55
C ASN D 21 -27.19 3.36 -16.58
N ILE D 22 -26.72 4.07 -17.62
CA ILE D 22 -27.60 4.57 -18.66
C ILE D 22 -27.57 3.69 -19.90
N LEU D 23 -28.75 3.34 -20.39
CA LEU D 23 -28.88 2.54 -21.59
C LEU D 23 -28.99 3.49 -22.77
N THR D 24 -28.18 3.28 -23.77
CA THR D 24 -28.23 4.14 -24.95
C THR D 24 -28.27 3.32 -26.24
N TRP D 25 -28.74 3.95 -27.31
CA TRP D 25 -28.79 3.31 -28.61
C TRP D 25 -28.85 4.34 -29.74
N ASP D 26 -28.72 3.87 -30.96
CA ASP D 26 -28.79 4.74 -32.14
C ASP D 26 -29.94 4.24 -33.01
N SER D 27 -30.46 5.10 -33.87
CA SER D 27 -31.53 4.73 -34.77
C SER D 27 -30.91 4.18 -36.05
N GLY D 28 -31.69 3.50 -36.84
CA GLY D 28 -31.15 2.95 -38.08
C GLY D 28 -31.45 3.82 -39.27
N PRO D 29 -30.99 3.41 -40.46
CA PRO D 29 -31.19 4.12 -41.72
C PRO D 29 -32.66 4.43 -42.00
N GLU D 30 -33.55 3.60 -41.46
CA GLU D 30 -34.99 3.78 -41.66
C GLU D 30 -35.70 4.46 -40.49
N GLY D 31 -34.93 4.90 -39.49
CA GLY D 31 -35.54 5.56 -38.36
C GLY D 31 -36.16 6.89 -38.73
N THR D 32 -37.23 7.25 -38.04
CA THR D 32 -37.92 8.51 -38.28
C THR D 32 -37.92 9.30 -36.97
N PRO D 33 -38.25 10.60 -37.02
CA PRO D 33 -38.26 11.38 -35.78
C PRO D 33 -39.43 10.96 -34.90
N ASP D 34 -40.32 10.15 -35.48
CA ASP D 34 -41.48 9.61 -34.78
C ASP D 34 -41.20 8.21 -34.23
N THR D 35 -40.03 7.65 -34.52
CA THR D 35 -39.74 6.31 -34.02
C THR D 35 -39.77 6.30 -32.49
N VAL D 36 -40.63 5.45 -31.93
CA VAL D 36 -40.75 5.33 -30.48
C VAL D 36 -40.05 4.08 -29.97
N TYR D 37 -39.51 4.15 -28.76
CA TYR D 37 -38.80 3.03 -28.18
C TYR D 37 -39.37 2.59 -26.84
N SER D 38 -39.29 1.28 -26.58
CA SER D 38 -39.77 0.71 -25.32
C SER D 38 -38.68 -0.19 -24.75
N ILE D 39 -38.35 0.01 -23.50
CA ILE D 39 -37.27 -0.72 -22.86
C ILE D 39 -37.68 -1.76 -21.81
N GLU D 40 -36.99 -2.89 -21.83
CA GLU D 40 -37.19 -3.96 -20.86
C GLU D 40 -35.79 -4.33 -20.33
N TYR D 41 -35.74 -4.99 -19.18
CA TYR D 41 -34.48 -5.40 -18.60
C TYR D 41 -34.71 -6.72 -17.88
N LYS D 42 -33.64 -7.46 -17.63
CA LYS D 42 -33.76 -8.73 -16.93
C LYS D 42 -32.47 -9.06 -16.21
N THR D 43 -32.55 -10.01 -15.29
CA THR D 43 -31.39 -10.42 -14.53
C THR D 43 -30.88 -11.71 -15.17
N TYR D 44 -29.57 -11.79 -15.36
CA TYR D 44 -28.98 -12.98 -15.95
C TYR D 44 -29.19 -14.12 -14.96
N GLY D 45 -29.76 -15.22 -15.44
CA GLY D 45 -30.02 -16.33 -14.56
C GLY D 45 -31.48 -16.38 -14.17
N GLU D 46 -32.27 -15.44 -14.70
CA GLU D 46 -33.70 -15.39 -14.43
C GLU D 46 -34.43 -15.52 -15.75
N ARG D 47 -35.71 -15.84 -15.70
CA ARG D 47 -36.48 -16.05 -16.93
C ARG D 47 -37.28 -14.88 -17.54
N ASP D 48 -37.80 -13.98 -16.72
CA ASP D 48 -38.62 -12.92 -17.26
C ASP D 48 -38.03 -11.55 -17.53
N TRP D 49 -38.59 -10.89 -18.54
CA TRP D 49 -38.20 -9.52 -18.89
C TRP D 49 -39.16 -8.62 -18.13
N VAL D 50 -38.66 -7.52 -17.59
CA VAL D 50 -39.48 -6.57 -16.85
C VAL D 50 -39.51 -5.25 -17.62
N ALA D 51 -40.70 -4.68 -17.77
CA ALA D 51 -40.81 -3.41 -18.47
C ALA D 51 -40.28 -2.30 -17.56
N LYS D 52 -39.59 -1.33 -18.14
CA LYS D 52 -39.07 -0.18 -17.40
C LYS D 52 -40.18 0.89 -17.49
N LYS D 53 -40.90 1.06 -16.39
CA LYS D 53 -42.03 1.99 -16.34
C LYS D 53 -41.86 3.36 -17.01
N GLY D 54 -40.73 4.01 -16.79
CA GLY D 54 -40.53 5.32 -17.37
C GLY D 54 -39.91 5.39 -18.76
N CYS D 55 -39.71 4.24 -19.40
CA CYS D 55 -39.12 4.23 -20.74
C CYS D 55 -39.97 3.44 -21.74
N GLN D 56 -41.25 3.79 -21.84
CA GLN D 56 -42.18 3.13 -22.75
C GLN D 56 -42.67 4.13 -23.81
N ARG D 57 -42.56 3.76 -25.08
CA ARG D 57 -42.99 4.63 -26.17
C ARG D 57 -42.33 6.00 -26.10
N ILE D 58 -41.05 6.04 -25.73
CA ILE D 58 -40.32 7.29 -25.63
C ILE D 58 -39.61 7.62 -26.93
N THR D 59 -39.34 8.90 -27.13
CA THR D 59 -38.70 9.38 -28.34
C THR D 59 -37.21 9.52 -28.19
N ARG D 60 -36.75 9.75 -26.96
CA ARG D 60 -35.33 9.91 -26.72
C ARG D 60 -34.56 8.61 -26.98
N LYS D 61 -33.23 8.68 -26.98
CA LYS D 61 -32.43 7.49 -27.22
C LYS D 61 -31.52 7.08 -26.07
N SER D 62 -32.05 7.17 -24.86
CA SER D 62 -31.32 6.78 -23.65
C SER D 62 -32.37 6.53 -22.59
N CYS D 63 -32.04 5.68 -21.63
CA CYS D 63 -32.96 5.34 -20.54
C CYS D 63 -32.13 5.01 -19.32
N ASP D 64 -32.50 5.60 -18.18
CA ASP D 64 -31.77 5.41 -16.94
C ASP D 64 -32.20 4.16 -16.19
N LEU D 65 -31.35 3.14 -16.21
CA LEU D 65 -31.66 1.87 -15.56
C LEU D 65 -30.86 1.67 -14.28
N THR D 66 -30.35 2.76 -13.73
CA THR D 66 -29.53 2.72 -12.52
C THR D 66 -30.16 1.95 -11.38
N VAL D 67 -31.42 2.25 -11.06
CA VAL D 67 -32.11 1.57 -9.97
C VAL D 67 -32.38 0.10 -10.27
N GLU D 68 -32.82 -0.17 -11.49
CA GLU D 68 -33.13 -1.52 -11.92
C GLU D 68 -31.93 -2.45 -11.96
N THR D 69 -30.72 -1.90 -12.09
CA THR D 69 -29.49 -2.70 -12.17
C THR D 69 -28.54 -2.42 -11.01
N GLY D 70 -29.11 -2.04 -9.86
CA GLY D 70 -28.31 -1.69 -8.70
C GLY D 70 -27.96 -2.77 -7.71
N ASP D 71 -28.12 -4.04 -8.07
CA ASP D 71 -27.75 -5.13 -7.18
C ASP D 71 -26.36 -5.55 -7.63
N LEU D 72 -25.36 -5.31 -6.80
CA LEU D 72 -23.98 -5.64 -7.14
C LEU D 72 -23.66 -7.13 -7.21
N GLN D 73 -24.65 -7.98 -6.95
CA GLN D 73 -24.44 -9.42 -6.99
C GLN D 73 -24.98 -9.99 -8.30
N GLU D 74 -25.74 -9.17 -9.03
CA GLU D 74 -26.34 -9.61 -10.29
C GLU D 74 -25.67 -9.06 -11.55
N LEU D 75 -26.02 -9.66 -12.68
CA LEU D 75 -25.56 -9.26 -14.00
C LEU D 75 -26.88 -9.06 -14.76
N TYR D 76 -26.92 -8.14 -15.71
CA TYR D 76 -28.18 -7.90 -16.42
C TYR D 76 -28.09 -7.81 -17.94
N TYR D 77 -29.27 -7.71 -18.53
CA TYR D 77 -29.47 -7.55 -19.95
C TYR D 77 -30.59 -6.53 -20.12
N ALA D 78 -30.51 -5.74 -21.18
CA ALA D 78 -31.56 -4.78 -21.46
C ALA D 78 -31.84 -4.91 -22.94
N ARG D 79 -33.06 -4.58 -23.35
CA ARG D 79 -33.38 -4.63 -24.75
C ARG D 79 -34.30 -3.48 -25.10
N VAL D 80 -34.14 -2.96 -26.31
CA VAL D 80 -34.96 -1.87 -26.79
C VAL D 80 -35.83 -2.39 -27.91
N THR D 81 -37.07 -1.91 -27.97
CA THR D 81 -37.96 -2.29 -29.02
C THR D 81 -38.38 -1.01 -29.73
N ALA D 82 -37.94 -0.87 -30.97
CA ALA D 82 -38.28 0.31 -31.76
C ALA D 82 -39.53 0.07 -32.58
N VAL D 83 -40.36 1.10 -32.71
CA VAL D 83 -41.57 0.99 -33.51
C VAL D 83 -41.75 2.27 -34.32
N SER D 84 -41.80 2.14 -35.63
CA SER D 84 -41.98 3.31 -36.49
C SER D 84 -43.46 3.62 -36.49
N ALA D 85 -43.79 4.86 -36.81
CA ALA D 85 -45.20 5.26 -36.85
C ALA D 85 -46.01 4.27 -37.66
N GLY D 86 -45.43 3.84 -38.78
CA GLY D 86 -46.10 2.88 -39.65
C GLY D 86 -46.43 1.54 -39.00
N GLY D 87 -45.62 1.13 -38.03
CA GLY D 87 -45.90 -0.14 -37.39
C GLY D 87 -44.77 -1.14 -37.54
N ARG D 88 -43.71 -0.76 -38.23
CA ARG D 88 -42.56 -1.63 -38.40
C ARG D 88 -41.84 -1.68 -37.05
N SER D 89 -41.40 -2.85 -36.63
CA SER D 89 -40.72 -2.96 -35.36
C SER D 89 -39.39 -3.68 -35.42
N ALA D 90 -38.59 -3.52 -34.37
CA ALA D 90 -37.27 -4.15 -34.28
C ALA D 90 -36.84 -4.18 -32.83
N THR D 91 -36.03 -5.18 -32.48
CA THR D 91 -35.56 -5.28 -31.12
C THR D 91 -34.09 -5.64 -31.13
N LYS D 92 -33.37 -5.12 -30.14
CA LYS D 92 -31.97 -5.40 -29.97
C LYS D 92 -31.64 -5.31 -28.50
N MET D 93 -30.76 -6.20 -28.04
CA MET D 93 -30.40 -6.21 -26.64
C MET D 93 -28.91 -6.02 -26.43
N THR D 94 -28.53 -5.61 -25.22
CA THR D 94 -27.14 -5.38 -24.87
C THR D 94 -26.42 -6.70 -24.64
N ASP D 95 -25.12 -6.62 -24.41
CA ASP D 95 -24.34 -7.81 -24.08
C ASP D 95 -24.55 -7.94 -22.56
N ARG D 96 -24.04 -9.02 -21.97
CA ARG D 96 -24.19 -9.21 -20.53
C ARG D 96 -23.58 -7.99 -19.81
N PHE D 97 -24.34 -7.41 -18.90
CA PHE D 97 -23.89 -6.24 -18.19
C PHE D 97 -23.43 -6.48 -16.76
N SER D 98 -22.22 -6.03 -16.46
CA SER D 98 -21.65 -6.15 -15.12
C SER D 98 -21.19 -4.75 -14.67
N SER D 99 -21.96 -4.09 -13.82
CA SER D 99 -21.60 -2.74 -13.39
C SER D 99 -20.24 -2.67 -12.73
N LEU D 100 -19.93 -3.64 -11.90
CA LEU D 100 -18.64 -3.66 -11.23
C LEU D 100 -17.49 -3.58 -12.21
N GLN D 101 -17.60 -4.37 -13.25
CA GLN D 101 -16.57 -4.43 -14.26
C GLN D 101 -16.64 -3.26 -15.23
N HIS D 102 -17.84 -2.92 -15.63
CA HIS D 102 -18.08 -1.90 -16.63
C HIS D 102 -18.04 -0.44 -16.20
N THR D 103 -18.55 -0.13 -15.02
CA THR D 103 -18.59 1.26 -14.57
C THR D 103 -17.24 1.94 -14.48
N THR D 104 -17.19 3.20 -14.90
CA THR D 104 -15.95 3.97 -14.82
C THR D 104 -16.02 4.83 -13.57
N LEU D 105 -14.92 5.46 -13.23
CA LEU D 105 -14.88 6.28 -12.03
C LEU D 105 -14.64 7.75 -12.34
N LYS D 106 -15.55 8.60 -11.89
CA LYS D 106 -15.41 10.04 -12.09
C LYS D 106 -14.21 10.53 -11.24
N PRO D 107 -13.74 11.75 -11.49
CA PRO D 107 -12.60 12.19 -10.69
C PRO D 107 -13.05 12.36 -9.24
N PRO D 108 -12.13 12.26 -8.27
CA PRO D 108 -12.52 12.41 -6.86
C PRO D 108 -13.03 13.85 -6.66
N ASP D 109 -13.91 14.02 -5.70
CA ASP D 109 -14.45 15.33 -5.38
C ASP D 109 -13.58 15.83 -4.21
N VAL D 110 -12.67 16.74 -4.52
CA VAL D 110 -11.75 17.22 -3.50
C VAL D 110 -11.74 18.73 -3.25
N THR D 111 -11.45 19.10 -2.02
CA THR D 111 -11.34 20.49 -1.63
C THR D 111 -9.92 20.65 -1.10
N CYS D 112 -9.16 21.54 -1.70
CA CYS D 112 -7.79 21.81 -1.29
C CYS D 112 -7.73 23.09 -0.47
N ILE D 113 -7.21 22.98 0.74
CA ILE D 113 -7.09 24.13 1.63
C ILE D 113 -5.61 24.46 1.77
N SER D 114 -5.24 25.68 1.44
CA SER D 114 -3.84 26.08 1.51
C SER D 114 -3.50 26.81 2.82
N LYS D 115 -2.30 26.55 3.31
CA LYS D 115 -1.81 27.18 4.52
C LYS D 115 -0.49 27.88 4.23
N VAL D 116 0.20 28.31 5.28
CA VAL D 116 1.45 29.02 5.12
C VAL D 116 2.57 28.18 4.55
N ARG D 117 2.78 27.00 5.13
CA ARG D 117 3.87 26.12 4.69
C ARG D 117 3.42 24.70 4.38
N SER D 118 2.13 24.54 4.12
CA SER D 118 1.58 23.23 3.79
C SER D 118 0.30 23.38 2.99
N ILE D 119 -0.07 22.30 2.31
CA ILE D 119 -1.29 22.27 1.49
C ILE D 119 -2.13 21.11 1.97
N GLN D 120 -3.37 21.38 2.33
CA GLN D 120 -4.25 20.33 2.82
C GLN D 120 -5.29 19.93 1.78
N MET D 121 -5.57 18.64 1.69
CA MET D 121 -6.53 18.11 0.74
C MET D 121 -7.53 17.19 1.42
N ILE D 122 -8.80 17.56 1.35
CA ILE D 122 -9.86 16.78 1.97
C ILE D 122 -10.67 16.05 0.89
N VAL D 123 -10.69 14.73 0.95
CA VAL D 123 -11.45 13.95 -0.02
C VAL D 123 -12.85 13.76 0.54
N HIS D 124 -13.83 14.22 -0.23
CA HIS D 124 -15.24 14.11 0.16
C HIS D 124 -15.83 12.78 -0.28
N PRO D 125 -16.67 12.17 0.57
CA PRO D 125 -17.30 10.88 0.25
C PRO D 125 -18.06 11.03 -1.06
N THR D 126 -17.97 10.03 -1.94
CA THR D 126 -18.69 10.11 -3.20
C THR D 126 -19.85 9.13 -3.18
N PRO D 127 -21.08 9.65 -3.14
CA PRO D 127 -22.31 8.85 -3.12
C PRO D 127 -22.61 8.24 -4.49
N THR D 128 -23.14 7.03 -4.49
CA THR D 128 -23.51 6.36 -5.75
C THR D 128 -25.01 6.08 -5.66
N PRO D 129 -25.61 5.62 -6.76
CA PRO D 129 -27.04 5.32 -6.73
C PRO D 129 -27.33 3.97 -6.05
N ILE D 130 -26.27 3.21 -5.77
CA ILE D 130 -26.42 1.90 -5.15
C ILE D 130 -26.96 1.98 -3.73
N ARG D 131 -28.16 1.46 -3.51
CA ARG D 131 -28.81 1.46 -2.19
C ARG D 131 -28.49 0.19 -1.43
N ALA D 132 -28.33 0.28 -0.11
CA ALA D 132 -28.02 -0.89 0.69
C ALA D 132 -29.26 -1.43 1.37
N GLY D 133 -29.06 -2.42 2.23
CA GLY D 133 -30.17 -3.02 2.95
C GLY D 133 -31.00 -1.97 3.67
N ASP D 134 -30.36 -1.20 4.55
CA ASP D 134 -31.06 -0.16 5.29
C ASP D 134 -31.64 0.90 4.36
N GLY D 135 -31.14 0.96 3.12
CA GLY D 135 -31.65 1.93 2.17
C GLY D 135 -30.84 3.20 1.96
N HIS D 136 -29.66 3.29 2.55
CA HIS D 136 -28.85 4.50 2.37
C HIS D 136 -27.88 4.34 1.20
N ARG D 137 -27.63 5.44 0.49
CA ARG D 137 -26.73 5.43 -0.64
C ARG D 137 -25.33 4.97 -0.25
N LEU D 138 -24.78 3.99 -0.99
CA LEU D 138 -23.44 3.51 -0.71
C LEU D 138 -22.42 4.38 -1.45
N THR D 139 -21.24 4.54 -0.86
CA THR D 139 -20.19 5.32 -1.48
C THR D 139 -19.22 4.39 -2.18
N LEU D 140 -18.32 4.95 -2.99
CA LEU D 140 -17.36 4.11 -3.68
C LEU D 140 -16.57 3.32 -2.65
N GLU D 141 -16.22 3.97 -1.56
CA GLU D 141 -15.48 3.30 -0.50
C GLU D 141 -16.25 2.11 0.07
N ASP D 142 -17.57 2.25 0.20
CA ASP D 142 -18.40 1.17 0.71
C ASP D 142 -18.35 -0.03 -0.22
N ILE D 143 -18.34 0.24 -1.53
CA ILE D 143 -18.33 -0.80 -2.54
C ILE D 143 -16.96 -1.45 -2.77
N PHE D 144 -15.94 -0.63 -2.96
CA PHE D 144 -14.59 -1.12 -3.20
C PHE D 144 -13.77 -0.99 -1.92
N HIS D 145 -13.69 -2.09 -1.18
CA HIS D 145 -12.97 -2.14 0.09
C HIS D 145 -11.48 -1.85 0.03
N ASP D 146 -10.86 -2.14 -1.11
CA ASP D 146 -9.43 -1.88 -1.25
C ASP D 146 -9.13 -0.55 -1.93
N LEU D 147 -10.16 0.26 -2.13
CA LEU D 147 -9.99 1.56 -2.77
C LEU D 147 -9.02 2.42 -1.96
N PHE D 148 -8.17 3.16 -2.66
CA PHE D 148 -7.23 4.05 -2.00
C PHE D 148 -6.94 5.25 -2.91
N TYR D 149 -6.46 6.34 -2.33
CA TYR D 149 -6.18 7.53 -3.10
C TYR D 149 -4.70 7.74 -3.36
N HIS D 150 -4.38 8.37 -4.47
CA HIS D 150 -3.02 8.66 -4.85
C HIS D 150 -2.95 10.16 -5.04
N LEU D 151 -2.22 10.84 -4.16
CA LEU D 151 -2.13 12.30 -4.24
C LEU D 151 -0.74 12.77 -4.62
N GLU D 152 -0.69 13.89 -5.33
CA GLU D 152 0.57 14.46 -5.77
C GLU D 152 0.54 15.96 -5.73
N LEU D 153 1.62 16.55 -5.24
CA LEU D 153 1.74 17.99 -5.18
C LEU D 153 2.94 18.33 -6.04
N GLN D 154 2.69 19.02 -7.15
CA GLN D 154 3.76 19.37 -8.05
C GLN D 154 4.39 20.70 -7.67
N VAL D 155 5.71 20.67 -7.47
CA VAL D 155 6.50 21.84 -7.12
C VAL D 155 7.06 22.40 -8.42
N ASN D 156 8.26 21.96 -8.79
CA ASN D 156 8.87 22.40 -10.05
C ASN D 156 8.72 21.20 -10.98
N ARG D 157 9.10 21.35 -12.26
CA ARG D 157 8.96 20.25 -13.21
C ARG D 157 9.83 19.02 -12.93
N THR D 158 10.81 19.17 -12.04
CA THR D 158 11.69 18.07 -11.70
C THR D 158 11.63 17.77 -10.20
N TYR D 159 10.44 17.89 -9.62
CA TYR D 159 10.24 17.65 -8.19
C TYR D 159 8.75 17.58 -7.84
N GLN D 160 8.29 16.40 -7.43
CA GLN D 160 6.89 16.20 -7.09
C GLN D 160 6.75 15.42 -5.79
N MET D 161 5.81 15.85 -4.94
CA MET D 161 5.57 15.16 -3.67
C MET D 161 4.38 14.23 -3.81
N HIS D 162 4.40 13.12 -3.09
CA HIS D 162 3.28 12.19 -3.21
C HIS D 162 2.88 11.49 -1.91
N LEU D 163 1.57 11.37 -1.72
CA LEU D 163 0.98 10.72 -0.56
C LEU D 163 -0.07 9.73 -1.06
N GLY D 164 -0.44 8.78 -0.22
CA GLY D 164 -1.44 7.79 -0.60
C GLY D 164 -2.05 7.13 0.61
N GLY D 165 -3.27 6.63 0.47
CA GLY D 165 -3.91 5.98 1.59
C GLY D 165 -5.40 5.89 1.45
N LYS D 166 -6.05 5.32 2.46
CA LYS D 166 -7.50 5.14 2.44
C LYS D 166 -8.25 6.22 3.22
N GLN D 167 -7.52 7.04 3.99
CA GLN D 167 -8.16 8.10 4.76
C GLN D 167 -8.59 9.22 3.81
N ARG D 168 -9.31 10.20 4.34
CA ARG D 168 -9.81 11.31 3.54
C ARG D 168 -8.96 12.57 3.60
N GLU D 169 -8.28 12.80 4.71
CA GLU D 169 -7.48 14.01 4.84
C GLU D 169 -5.98 13.81 4.69
N TYR D 170 -5.35 14.69 3.90
CA TYR D 170 -3.93 14.64 3.65
C TYR D 170 -3.35 16.03 3.72
N GLU D 171 -2.11 16.15 4.21
CA GLU D 171 -1.47 17.44 4.28
C GLU D 171 0.00 17.32 3.92
N PHE D 172 0.42 18.05 2.88
CA PHE D 172 1.81 18.04 2.45
C PHE D 172 2.54 19.11 3.24
N PHE D 173 3.60 18.73 3.93
CA PHE D 173 4.38 19.68 4.73
C PHE D 173 5.69 20.07 4.05
N GLY D 174 6.39 21.04 4.65
CA GLY D 174 7.66 21.50 4.13
C GLY D 174 7.54 22.35 2.89
N LEU D 175 6.55 23.23 2.86
CA LEU D 175 6.31 24.11 1.71
C LEU D 175 6.72 25.53 2.02
N THR D 176 7.24 26.23 1.01
CA THR D 176 7.64 27.60 1.23
C THR D 176 6.40 28.48 1.09
N PRO D 177 6.26 29.50 1.93
CA PRO D 177 5.10 30.41 1.89
C PRO D 177 4.90 31.13 0.55
N ASP D 178 3.72 31.73 0.40
CA ASP D 178 3.35 32.49 -0.78
C ASP D 178 3.85 31.87 -2.10
N THR D 179 3.66 30.57 -2.26
CA THR D 179 4.11 29.88 -3.48
C THR D 179 2.98 29.08 -4.14
N GLU D 180 3.11 28.83 -5.44
CA GLU D 180 2.10 28.09 -6.17
C GLU D 180 2.44 26.62 -6.35
N PHE D 181 1.43 25.77 -6.17
CA PHE D 181 1.61 24.34 -6.32
C PHE D 181 0.43 23.72 -7.06
N LEU D 182 0.69 22.62 -7.77
CA LEU D 182 -0.35 21.94 -8.51
C LEU D 182 -0.71 20.63 -7.82
N GLY D 183 -1.92 20.55 -7.28
CA GLY D 183 -2.35 19.33 -6.61
C GLY D 183 -3.16 18.40 -7.48
N THR D 184 -2.85 17.11 -7.41
CA THR D 184 -3.55 16.09 -8.20
C THR D 184 -3.92 14.87 -7.34
N ILE D 185 -5.18 14.46 -7.41
CA ILE D 185 -5.69 13.33 -6.65
C ILE D 185 -6.48 12.39 -7.55
N MET D 186 -6.20 11.09 -7.46
CA MET D 186 -6.96 10.12 -8.25
C MET D 186 -7.39 8.94 -7.40
N ILE D 187 -8.48 8.29 -7.80
CA ILE D 187 -8.99 7.14 -7.08
C ILE D 187 -8.39 5.89 -7.69
N CYS D 188 -7.99 4.95 -6.84
CA CYS D 188 -7.41 3.69 -7.29
C CYS D 188 -8.05 2.50 -6.61
N VAL D 189 -8.48 1.54 -7.40
CA VAL D 189 -9.08 0.32 -6.87
C VAL D 189 -8.40 -0.80 -7.65
N PRO D 190 -7.34 -1.38 -7.05
CA PRO D 190 -6.50 -2.48 -7.57
C PRO D 190 -7.25 -3.74 -7.98
N THR D 191 -8.17 -4.15 -7.12
CA THR D 191 -8.96 -5.36 -7.36
C THR D 191 -9.56 -5.41 -8.76
N TRP D 192 -10.10 -4.28 -9.21
CA TRP D 192 -10.69 -4.21 -10.54
C TRP D 192 -9.85 -3.39 -11.49
N ALA D 193 -8.61 -3.13 -11.09
CA ALA D 193 -7.70 -2.35 -11.92
C ALA D 193 -8.40 -1.10 -12.46
N LYS D 194 -9.14 -0.41 -11.60
CA LYS D 194 -9.81 0.82 -12.01
C LYS D 194 -8.96 1.99 -11.57
N GLU D 195 -9.03 3.06 -12.35
CA GLU D 195 -8.24 4.26 -12.09
C GLU D 195 -9.15 5.40 -12.52
N SER D 196 -9.12 6.50 -11.79
CA SER D 196 -9.98 7.61 -12.17
C SER D 196 -9.16 8.68 -12.84
N ALA D 197 -9.83 9.54 -13.58
CA ALA D 197 -9.16 10.65 -14.22
C ALA D 197 -8.81 11.46 -12.99
N PRO D 198 -7.67 12.15 -13.00
CA PRO D 198 -7.24 12.96 -11.86
C PRO D 198 -8.05 14.23 -11.56
N TYR D 199 -8.18 14.54 -10.29
CA TYR D 199 -8.84 15.77 -9.88
C TYR D 199 -7.63 16.67 -9.70
N MET D 200 -7.70 17.90 -10.18
CA MET D 200 -6.56 18.80 -10.06
C MET D 200 -6.97 20.12 -9.44
N CYS D 201 -6.21 20.56 -8.46
CA CYS D 201 -6.46 21.83 -7.80
C CYS D 201 -5.15 22.59 -7.75
N ARG D 202 -5.12 23.73 -8.43
CA ARG D 202 -3.93 24.56 -8.44
C ARG D 202 -4.06 25.52 -7.26
N VAL D 203 -3.16 25.41 -6.29
CA VAL D 203 -3.22 26.26 -5.10
C VAL D 203 -1.92 26.99 -4.78
N LYS D 204 -2.02 27.96 -3.89
CA LYS D 204 -0.88 28.77 -3.50
C LYS D 204 -0.85 28.91 -1.98
N THR D 205 0.30 28.68 -1.37
CA THR D 205 0.41 28.80 0.08
C THR D 205 0.27 30.25 0.49
N LEU D 206 -0.24 30.47 1.68
CA LEU D 206 -0.45 31.81 2.21
C LEU D 206 0.89 32.51 2.47
N PRO D 207 0.86 33.86 2.59
CA PRO D 207 2.08 34.63 2.86
C PRO D 207 2.71 34.27 4.20
N ASP D 208 3.00 35.25 5.06
CA ASP D 208 3.63 34.92 6.34
C ASP D 208 3.82 36.10 7.29
N ARG D 209 4.21 35.76 8.52
CA ARG D 209 4.52 36.69 9.62
C ARG D 209 5.19 35.87 10.74
C1 NAG E . 8.22 -5.59 -24.99
C2 NAG E . 8.27 -5.96 -26.46
C3 NAG E . 6.92 -5.67 -27.12
C4 NAG E . 5.81 -6.42 -26.37
C5 NAG E . 5.88 -6.10 -24.87
C6 NAG E . 4.91 -6.95 -24.06
C7 NAG E . 10.20 -5.90 -27.89
C8 NAG E . 10.46 -5.37 -29.28
N2 NAG E . 9.33 -5.23 -27.13
O3 NAG E . 6.96 -6.10 -28.47
O4 NAG E . 4.51 -6.04 -26.89
O5 NAG E . 7.20 -6.36 -24.34
O6 NAG E . 5.51 -8.24 -23.82
O7 NAG E . 10.77 -6.93 -27.50
C1 NAG E . 3.76 -7.05 -27.48
C2 NAG E . 2.26 -6.86 -27.15
C3 NAG E . 1.41 -7.88 -27.92
C4 NAG E . 1.80 -7.99 -29.41
C5 NAG E . 3.33 -8.08 -29.59
C6 NAG E . 3.75 -7.98 -31.05
C7 NAG E . 1.59 -6.06 -24.97
C8 NAG E . 0.63 -6.46 -23.87
N2 NAG E . 2.07 -7.04 -25.73
O3 NAG E . 0.04 -7.50 -27.84
O4 NAG E . 1.19 -9.17 -29.98
O5 NAG E . 3.96 -6.99 -28.89
O6 NAG E . 4.98 -8.63 -31.27
O7 NAG E . 1.89 -4.88 -25.14
C1 BMA E . 0.34 -8.98 -31.05
C2 BMA E . 0.05 -10.31 -31.77
C3 BMA E . -0.99 -10.11 -32.88
C4 BMA E . -2.24 -9.40 -32.33
C5 BMA E . -1.82 -8.12 -31.60
C6 BMA E . -2.98 -7.36 -30.98
O2 BMA E . -0.42 -11.27 -30.83
O3 BMA E . -1.36 -11.36 -33.45
O4 BMA E . -3.12 -9.09 -33.39
O5 BMA E . -0.89 -8.42 -30.55
O6 BMA E . -3.48 -8.09 -29.84
C1 MAN E . -3.94 -7.27 -28.80
C2 MAN E . -4.78 -8.09 -27.83
C3 MAN E . -6.06 -8.58 -28.55
C4 MAN E . -6.83 -7.37 -29.11
C5 MAN E . -5.92 -6.51 -29.99
C6 MAN E . -6.57 -5.21 -30.44
O2 MAN E . -5.14 -7.30 -26.70
O3 MAN E . -6.88 -9.31 -27.66
O4 MAN E . -7.93 -7.84 -29.87
O5 MAN E . -4.71 -6.15 -29.27
O6 MAN E . -6.43 -4.18 -29.47
C1 FUC E . 4.59 -9.28 -23.99
C2 FUC E . 5.33 -10.61 -23.86
C3 FUC E . 5.86 -10.76 -22.43
C4 FUC E . 4.69 -10.62 -21.44
C5 FUC E . 3.94 -9.32 -21.67
C6 FUC E . 2.68 -9.19 -20.83
O2 FUC E . 6.42 -10.66 -24.77
O3 FUC E . 6.47 -12.03 -22.28
O4 FUC E . 3.81 -11.72 -21.59
O5 FUC E . 3.52 -9.21 -23.05
U U1 F . -4.59 15.15 31.78
U U1 G . 3.52 24.01 29.45
CL CL H . 13.75 -10.26 6.89
U U1 I . 31.91 -9.16 15.13
U U1 J . 1.61 -24.88 -22.16
U U1 K . 18.33 -1.14 27.01
U U1 L . 48.39 22.14 14.57
U IUM M . -28.69 -25.87 4.14
O1 IUM M . -30.28 -25.87 4.74
O2 IUM M . -27.10 -25.85 3.52
C ACT N . -29.33 -26.04 1.10
O ACT N . -29.38 -27.28 1.15
OXT ACT N . -28.30 -25.26 0.82
CH3 ACT N . -30.64 -25.29 1.42
C ACT O . -27.58 -28.85 3.87
O ACT O . -27.83 -28.26 4.94
OXT ACT O . -28.03 -28.57 2.67
CH3 ACT O . -26.62 -30.03 3.94
U U1 P . -12.02 -32.70 0.34
U U1 Q . 1.29 -17.45 -2.45
U U1 R . -13.15 -33.19 -11.89
CL CL S . -34.34 8.01 -18.35
CL CL T . -16.07 7.38 -1.69
U U1 U . -29.93 8.72 -12.49
U U1 V . -29.46 -10.58 -5.45
#